data_4NMU
#
_entry.id   4NMU
#
_cell.length_a   36.816
_cell.length_b   55.166
_cell.length_c   62.570
_cell.angle_alpha   92.27
_cell.angle_beta   90.09
_cell.angle_gamma   89.99
#
_symmetry.space_group_name_H-M   'P 1'
#
loop_
_entity.id
_entity.type
_entity.pdbx_description
1 polymer 'Thiol-disulfide oxidoreductase ResA'
2 non-polymer 'ACETIC ACID'
3 non-polymer 1,2-ETHANEDIOL
4 non-polymer GLYCEROL
5 non-polymer 'MAGNESIUM ION'
6 non-polymer DI(HYDROXYETHYL)ETHER
7 water water
#
_entity_poly.entity_id   1
_entity_poly.type   'polypeptide(L)'
_entity_poly.pdbx_seq_one_letter_code
;SNAADKEK(MSE)QIGKEAPNFVVTDLEGKKIELKDLKGKGVFLNFWGTWCKPCEKE(MSE)PY(MSE)NELYPKYKEKG
VEIIALDADETDIAVKNFVNQYGLKFPVAIDKGQKIIGTYGVGPLPTSFLIDKDGKVVEQIIGEQTKEQLEGYLKKITP
;
_entity_poly.pdbx_strand_id   A,B,C,D
#
loop_
_chem_comp.id
_chem_comp.type
_chem_comp.name
_chem_comp.formula
ACY non-polymer 'ACETIC ACID' 'C2 H4 O2'
EDO non-polymer 1,2-ETHANEDIOL 'C2 H6 O2'
GOL non-polymer GLYCEROL 'C3 H8 O3'
MG non-polymer 'MAGNESIUM ION' 'Mg 2'
PEG non-polymer DI(HYDROXYETHYL)ETHER 'C4 H10 O3'
#
# COMPACT_ATOMS: atom_id res chain seq x y z
N SER A 1 16.91 25.45 -32.76
CA SER A 1 16.44 24.60 -31.68
C SER A 1 14.98 24.21 -31.91
N ASN A 2 14.32 23.79 -30.85
CA ASN A 2 12.92 23.42 -30.98
C ASN A 2 12.09 24.05 -29.86
N ALA A 3 10.92 24.55 -30.20
CA ALA A 3 10.05 25.16 -29.22
C ALA A 3 9.68 24.21 -28.08
N ALA A 4 9.64 22.92 -28.39
CA ALA A 4 9.24 21.91 -27.41
C ALA A 4 10.30 21.76 -26.31
N ASP A 5 11.52 22.22 -26.57
CA ASP A 5 12.53 22.29 -25.51
C ASP A 5 11.94 22.93 -24.28
N LYS A 6 11.20 24.02 -24.47
CA LYS A 6 10.64 24.79 -23.38
C LYS A 6 9.13 24.58 -23.17
N GLU A 7 8.65 23.36 -23.42
CA GLU A 7 7.26 23.02 -23.12
C GLU A 7 7.14 22.50 -21.69
N LYS A 8 5.96 22.69 -21.09
CA LYS A 8 5.80 22.75 -19.66
C LYS A 8 4.44 22.21 -19.25
N MSE A 9 4.41 21.29 -18.27
CA MSE A 9 3.11 20.81 -17.81
C MSE A 9 2.58 21.65 -16.65
O MSE A 9 3.25 21.82 -15.64
CB MSE A 9 3.12 19.29 -17.53
CG MSE A 9 3.22 18.87 -16.07
SE MSE A 9 1.55 18.94 -15.09
CE MSE A 9 2.19 18.80 -13.26
N GLN A 10 1.38 22.15 -16.82
CA GLN A 10 0.72 22.93 -15.79
C GLN A 10 -0.63 22.30 -15.40
N ILE A 11 -0.85 22.14 -14.10
CA ILE A 11 -2.15 21.71 -13.59
C ILE A 11 -3.21 22.70 -14.03
N GLY A 12 -4.34 22.20 -14.51
CA GLY A 12 -5.40 23.04 -15.02
C GLY A 12 -5.12 23.70 -16.35
N LYS A 13 -4.12 23.21 -17.07
CA LYS A 13 -3.83 23.77 -18.39
C LYS A 13 -3.49 22.65 -19.39
N GLU A 14 -3.50 22.98 -20.67
CA GLU A 14 -3.34 21.98 -21.73
C GLU A 14 -2.08 21.15 -21.58
N ALA A 15 -2.23 19.86 -21.77
CA ALA A 15 -1.14 18.91 -21.61
C ALA A 15 -0.15 19.14 -22.72
N PRO A 16 1.16 18.91 -22.45
CA PRO A 16 2.12 18.87 -23.53
C PRO A 16 1.78 17.76 -24.51
N ASN A 17 1.47 18.13 -25.74
CA ASN A 17 1.19 17.13 -26.76
C ASN A 17 2.43 16.27 -26.98
N PHE A 18 2.23 15.03 -27.42
CA PHE A 18 3.33 14.20 -27.84
C PHE A 18 2.84 13.19 -28.85
N VAL A 19 3.76 12.61 -29.58
CA VAL A 19 3.49 11.60 -30.60
C VAL A 19 4.36 10.36 -30.37
N VAL A 20 3.73 9.22 -30.15
CA VAL A 20 4.45 7.95 -29.94
C VAL A 20 3.84 6.86 -30.80
N THR A 21 4.61 5.81 -31.04
CA THR A 21 4.08 4.61 -31.66
C THR A 21 3.82 3.61 -30.55
N ASP A 22 2.62 3.04 -30.48
CA ASP A 22 2.38 2.04 -29.44
C ASP A 22 2.90 0.66 -29.85
N LEU A 23 2.86 -0.31 -28.95
CA LEU A 23 3.36 -1.64 -29.28
C LEU A 23 2.57 -2.38 -30.35
N GLU A 24 1.42 -1.86 -30.75
CA GLU A 24 0.72 -2.46 -31.87
C GLU A 24 1.03 -1.72 -33.16
N GLY A 25 2.01 -0.83 -33.09
CA GLY A 25 2.46 -0.05 -34.23
C GLY A 25 1.64 1.18 -34.55
N LYS A 26 0.64 1.44 -33.71
CA LYS A 26 -0.30 2.53 -33.97
C LYS A 26 0.17 3.89 -33.45
N LYS A 27 -0.04 4.91 -34.27
CA LYS A 27 0.31 6.26 -33.88
C LYS A 27 -0.62 6.81 -32.78
N ILE A 28 -0.03 7.24 -31.68
CA ILE A 28 -0.74 8.05 -30.69
C ILE A 28 -0.22 9.50 -30.65
N GLU A 29 -1.09 10.46 -30.93
CA GLU A 29 -0.82 11.86 -30.64
C GLU A 29 -1.80 12.37 -29.57
N LEU A 30 -1.27 12.94 -28.50
CA LEU A 30 -2.10 13.31 -27.37
C LEU A 30 -3.24 14.23 -27.78
N LYS A 31 -2.95 15.24 -28.59
CA LYS A 31 -3.99 16.16 -29.04
C LYS A 31 -5.13 15.48 -29.82
N ASP A 32 -4.82 14.41 -30.53
CA ASP A 32 -5.83 13.68 -31.29
C ASP A 32 -6.90 13.09 -30.41
N LEU A 33 -6.62 13.01 -29.11
CA LEU A 33 -7.51 12.36 -28.16
C LEU A 33 -8.46 13.33 -27.47
N LYS A 34 -8.48 14.60 -27.89
CA LYS A 34 -9.49 15.52 -27.36
C LYS A 34 -10.86 14.92 -27.65
N GLY A 35 -11.73 14.92 -26.63
CA GLY A 35 -13.01 14.27 -26.72
C GLY A 35 -13.07 13.04 -25.82
N LYS A 36 -11.90 12.65 -25.34
CA LYS A 36 -11.76 11.52 -24.44
C LYS A 36 -11.04 11.95 -23.19
N GLY A 37 -11.33 11.30 -22.06
CA GLY A 37 -10.45 11.38 -20.90
C GLY A 37 -9.20 10.56 -21.17
N VAL A 38 -8.05 10.97 -20.64
CA VAL A 38 -6.83 10.20 -20.83
C VAL A 38 -6.15 9.98 -19.49
N PHE A 39 -5.88 8.72 -19.21
CA PHE A 39 -5.09 8.35 -18.04
C PHE A 39 -3.68 8.04 -18.55
N LEU A 40 -2.77 8.96 -18.30
CA LEU A 40 -1.41 8.89 -18.83
C LEU A 40 -0.50 8.33 -17.74
N ASN A 41 0.02 7.14 -17.96
CA ASN A 41 0.76 6.45 -16.92
C ASN A 41 2.20 6.24 -17.32
N PHE A 42 3.12 6.66 -16.48
CA PHE A 42 4.54 6.45 -16.74
C PHE A 42 5.00 5.31 -15.85
N TRP A 43 5.68 4.32 -16.45
CA TRP A 43 5.95 3.07 -15.76
C TRP A 43 7.22 2.37 -16.21
N GLY A 44 7.48 1.23 -15.57
CA GLY A 44 8.59 0.34 -15.94
C GLY A 44 8.42 -1.09 -15.42
N THR A 45 9.06 -2.03 -16.10
CA THR A 45 8.88 -3.45 -15.80
C THR A 45 9.60 -3.84 -14.51
N TRP A 46 10.56 -3.01 -14.12
CA TRP A 46 11.39 -3.27 -12.96
C TRP A 46 10.78 -2.62 -11.71
N CYS A 47 9.80 -1.75 -11.90
CA CYS A 47 9.18 -0.99 -10.82
C CYS A 47 8.03 -1.81 -10.27
N LYS A 48 8.24 -2.34 -9.09
CA LYS A 48 7.26 -3.20 -8.42
C LYS A 48 5.89 -2.55 -8.12
N PRO A 49 5.87 -1.28 -7.69
CA PRO A 49 4.57 -0.62 -7.64
C PRO A 49 3.92 -0.49 -9.02
N CYS A 50 4.70 -0.28 -10.05
CA CYS A 50 4.11 -0.28 -11.39
C CYS A 50 3.57 -1.63 -11.76
N GLU A 51 4.33 -2.68 -11.50
CA GLU A 51 3.92 -4.02 -11.84
C GLU A 51 2.63 -4.39 -11.15
N LYS A 52 2.52 -4.07 -9.87
CA LYS A 52 1.35 -4.49 -9.12
C LYS A 52 0.07 -3.75 -9.49
N GLU A 53 0.19 -2.48 -9.91
CA GLU A 53 -1.01 -1.73 -10.24
C GLU A 53 -1.53 -1.98 -11.65
N MSE A 54 -0.66 -2.41 -12.56
CA MSE A 54 -1.06 -2.56 -13.95
C MSE A 54 -2.14 -3.60 -14.27
O MSE A 54 -2.97 -3.37 -15.15
CB MSE A 54 0.17 -2.73 -14.84
CG MSE A 54 0.93 -1.42 -14.90
SE MSE A 54 2.62 -1.44 -15.77
CE MSE A 54 1.99 -1.03 -17.57
N PRO A 55 -2.16 -4.74 -13.56
CA PRO A 55 -3.35 -5.59 -13.63
C PRO A 55 -4.64 -4.84 -13.25
N TYR A 56 -4.57 -3.93 -12.29
CA TYR A 56 -5.76 -3.19 -11.87
C TYR A 56 -6.27 -2.32 -13.01
N MSE A 57 -5.37 -1.58 -13.65
N MSE A 57 -5.34 -1.59 -13.61
CA MSE A 57 -5.81 -0.76 -14.76
CA MSE A 57 -5.64 -0.77 -14.79
C MSE A 57 -6.25 -1.62 -15.95
C MSE A 57 -6.24 -1.63 -15.89
O MSE A 57 -7.08 -1.19 -16.74
O MSE A 57 -7.17 -1.19 -16.60
CB MSE A 57 -4.77 0.30 -15.16
CB MSE A 57 -4.36 -0.09 -15.29
CG MSE A 57 -3.37 -0.24 -15.40
CG MSE A 57 -3.83 0.99 -14.37
SE MSE A 57 -2.02 1.16 -15.21
SE MSE A 57 -1.94 1.44 -14.72
CE MSE A 57 -2.37 1.65 -13.35
CE MSE A 57 -2.05 1.84 -16.61
N ASN A 58 -5.72 -2.83 -16.03
CA ASN A 58 -6.17 -3.74 -17.08
C ASN A 58 -7.61 -4.21 -16.88
N GLU A 59 -7.97 -4.47 -15.64
CA GLU A 59 -9.34 -4.85 -15.31
C GLU A 59 -10.29 -3.66 -15.40
N LEU A 60 -9.78 -2.45 -15.22
CA LEU A 60 -10.62 -1.26 -15.34
C LEU A 60 -10.79 -0.77 -16.78
N TYR A 61 -9.82 -1.06 -17.63
CA TYR A 61 -9.78 -0.52 -18.99
C TYR A 61 -11.01 -0.76 -19.87
N PRO A 62 -11.52 -2.01 -19.96
CA PRO A 62 -12.69 -2.21 -20.84
C PRO A 62 -13.86 -1.38 -20.39
N LYS A 63 -14.09 -1.38 -19.09
CA LYS A 63 -15.15 -0.59 -18.50
C LYS A 63 -15.09 0.86 -18.98
N TYR A 64 -13.93 1.49 -18.79
CA TYR A 64 -13.80 2.94 -19.05
C TYR A 64 -13.52 3.31 -20.51
N LYS A 65 -13.04 2.36 -21.30
CA LYS A 65 -12.77 2.60 -22.71
C LYS A 65 -14.03 2.95 -23.50
N GLU A 66 -15.09 2.16 -23.32
CA GLU A 66 -16.40 2.46 -23.92
C GLU A 66 -16.87 3.87 -23.54
N LYS A 67 -16.74 4.21 -22.27
CA LYS A 67 -17.07 5.54 -21.75
C LYS A 67 -16.14 6.61 -22.26
N GLY A 68 -15.27 6.29 -23.20
CA GLY A 68 -14.44 7.31 -23.81
C GLY A 68 -13.23 7.75 -23.02
N VAL A 69 -12.73 6.88 -22.15
CA VAL A 69 -11.46 7.14 -21.48
C VAL A 69 -10.39 6.25 -22.07
N GLU A 70 -9.28 6.84 -22.48
CA GLU A 70 -8.13 6.09 -22.95
C GLU A 70 -7.07 5.99 -21.84
N ILE A 71 -6.41 4.85 -21.77
CA ILE A 71 -5.23 4.67 -20.95
C ILE A 71 -4.00 4.59 -21.87
N ILE A 72 -3.01 5.43 -21.62
CA ILE A 72 -1.75 5.37 -22.36
C ILE A 72 -0.59 5.13 -21.39
N ALA A 73 0.05 3.97 -21.51
CA ALA A 73 1.08 3.56 -20.57
C ALA A 73 2.45 3.71 -21.21
N LEU A 74 3.11 4.80 -20.86
CA LEU A 74 4.40 5.13 -21.43
C LEU A 74 5.52 4.46 -20.63
N ASP A 75 6.25 3.56 -21.27
CA ASP A 75 7.35 2.89 -20.61
C ASP A 75 8.59 3.76 -20.64
N ALA A 76 9.36 3.72 -19.55
CA ALA A 76 10.53 4.58 -19.39
C ALA A 76 11.77 4.10 -20.12
N ASP A 77 11.66 3.93 -21.43
CA ASP A 77 12.77 3.62 -22.29
C ASP A 77 13.50 2.32 -21.98
N GLU A 78 12.76 1.25 -21.80
CA GLU A 78 13.32 -0.09 -21.75
C GLU A 78 13.35 -0.65 -23.17
N THR A 79 13.93 -1.84 -23.35
CA THR A 79 14.00 -2.43 -24.68
C THR A 79 12.63 -2.88 -25.16
N ASP A 80 12.46 -2.91 -26.47
CA ASP A 80 11.23 -3.44 -27.04
C ASP A 80 10.97 -4.86 -26.56
N ILE A 81 12.02 -5.67 -26.46
CA ILE A 81 11.88 -7.05 -26.04
C ILE A 81 11.45 -7.15 -24.56
N ALA A 82 12.06 -6.36 -23.70
CA ALA A 82 11.67 -6.41 -22.29
C ALA A 82 10.22 -5.99 -22.11
N VAL A 83 9.77 -5.02 -22.89
CA VAL A 83 8.44 -4.49 -22.71
C VAL A 83 7.39 -5.35 -23.38
N LYS A 84 7.67 -5.84 -24.58
CA LYS A 84 6.73 -6.73 -25.26
C LYS A 84 6.51 -7.99 -24.43
N ASN A 85 7.58 -8.53 -23.84
CA ASN A 85 7.45 -9.67 -22.96
C ASN A 85 6.61 -9.43 -21.70
N PHE A 86 6.82 -8.28 -21.05
CA PHE A 86 6.00 -7.87 -19.91
C PHE A 86 4.52 -7.75 -20.29
N VAL A 87 4.23 -6.95 -21.31
CA VAL A 87 2.86 -6.79 -21.77
C VAL A 87 2.23 -8.14 -22.09
N ASN A 88 3.00 -9.01 -22.72
CA ASN A 88 2.57 -10.35 -23.07
C ASN A 88 2.17 -11.16 -21.85
N GLN A 89 3.04 -11.20 -20.85
CA GLN A 89 2.79 -12.04 -19.70
C GLN A 89 1.58 -11.59 -18.90
N TYR A 90 1.24 -10.31 -19.01
CA TYR A 90 0.12 -9.76 -18.25
C TYR A 90 -1.14 -9.60 -19.07
N GLY A 91 -1.03 -9.77 -20.38
CA GLY A 91 -2.19 -9.62 -21.25
C GLY A 91 -2.81 -8.23 -21.24
N LEU A 92 -1.99 -7.19 -21.20
CA LEU A 92 -2.53 -5.83 -21.12
C LEU A 92 -3.24 -5.46 -22.40
N LYS A 93 -4.41 -4.83 -22.29
CA LYS A 93 -5.20 -4.51 -23.48
C LYS A 93 -5.11 -3.05 -23.84
N PHE A 94 -4.57 -2.24 -22.94
CA PHE A 94 -4.48 -0.80 -23.18
C PHE A 94 -3.21 -0.45 -23.90
N PRO A 95 -3.20 0.68 -24.62
CA PRO A 95 -2.01 1.13 -25.35
C PRO A 95 -0.77 1.27 -24.47
N VAL A 96 0.33 0.67 -24.94
CA VAL A 96 1.61 0.76 -24.29
C VAL A 96 2.60 1.27 -25.31
N ALA A 97 3.42 2.22 -24.92
CA ALA A 97 4.41 2.79 -25.82
C ALA A 97 5.68 3.07 -25.05
N ILE A 98 6.81 2.97 -25.73
CA ILE A 98 8.08 3.25 -25.11
C ILE A 98 8.42 4.70 -25.42
N ASP A 99 8.65 5.48 -24.37
CA ASP A 99 9.05 6.87 -24.50
C ASP A 99 10.53 6.90 -24.86
N LYS A 100 10.81 6.76 -26.15
CA LYS A 100 12.17 6.74 -26.64
C LYS A 100 12.86 8.03 -26.28
N GLY A 101 14.00 7.91 -25.60
CA GLY A 101 14.79 9.07 -25.20
C GLY A 101 14.42 9.59 -23.82
N GLN A 102 13.37 9.03 -23.22
CA GLN A 102 12.78 9.57 -22.00
C GLN A 102 12.34 11.03 -22.16
N LYS A 103 12.15 11.44 -23.40
CA LYS A 103 11.76 12.81 -23.73
C LYS A 103 10.49 13.24 -23.03
N ILE A 104 9.40 12.47 -23.23
CA ILE A 104 8.12 12.84 -22.70
C ILE A 104 8.17 12.88 -21.18
N ILE A 105 8.85 11.90 -20.59
CA ILE A 105 9.13 11.91 -19.16
C ILE A 105 9.73 13.24 -18.71
N GLY A 106 10.71 13.74 -19.48
CA GLY A 106 11.35 15.00 -19.17
C GLY A 106 10.43 16.19 -19.28
N THR A 107 9.69 16.25 -20.38
CA THR A 107 8.68 17.26 -20.61
C THR A 107 7.64 17.29 -19.50
N TYR A 108 7.26 16.11 -18.99
CA TYR A 108 6.26 15.98 -17.93
C TYR A 108 6.80 16.07 -16.50
N GLY A 109 8.13 16.13 -16.38
CA GLY A 109 8.78 16.27 -15.09
C GLY A 109 8.69 15.05 -14.19
N VAL A 110 8.68 13.86 -14.82
CA VAL A 110 8.53 12.62 -14.11
C VAL A 110 9.86 12.16 -13.54
N GLY A 111 9.86 11.82 -12.27
CA GLY A 111 11.07 11.26 -11.65
C GLY A 111 10.75 9.89 -11.08
N PRO A 112 10.16 9.89 -9.88
CA PRO A 112 9.59 8.68 -9.30
C PRO A 112 8.61 7.99 -10.25
N LEU A 113 8.67 6.67 -10.31
CA LEU A 113 7.71 5.87 -11.04
C LEU A 113 7.03 4.96 -10.04
N PRO A 114 5.74 4.68 -10.22
CA PRO A 114 4.93 5.17 -11.33
C PRO A 114 4.36 6.54 -11.05
N THR A 115 4.13 7.29 -12.11
CA THR A 115 3.46 8.57 -12.02
C THR A 115 2.40 8.60 -13.11
N SER A 116 1.21 9.05 -12.75
CA SER A 116 0.08 9.18 -13.67
C SER A 116 -0.44 10.62 -13.69
N PHE A 117 -0.95 11.01 -14.84
CA PHE A 117 -1.61 12.30 -14.99
C PHE A 117 -3.02 12.05 -15.50
N LEU A 118 -3.98 12.77 -14.93
CA LEU A 118 -5.35 12.74 -15.43
C LEU A 118 -5.51 13.89 -16.42
N ILE A 119 -5.93 13.56 -17.63
CA ILE A 119 -6.15 14.57 -18.66
C ILE A 119 -7.61 14.46 -19.04
N ASP A 120 -8.32 15.58 -18.97
CA ASP A 120 -9.74 15.54 -19.28
C ASP A 120 -10.02 15.76 -20.76
N LYS A 121 -11.30 15.82 -21.10
CA LYS A 121 -11.69 15.90 -22.51
C LYS A 121 -11.20 17.15 -23.28
N ASP A 122 -10.91 18.23 -22.58
CA ASP A 122 -10.36 19.45 -23.19
C ASP A 122 -8.88 19.30 -23.47
N GLY A 123 -8.30 18.24 -22.93
CA GLY A 123 -6.85 18.06 -23.00
C GLY A 123 -6.12 18.88 -21.97
N LYS A 124 -6.78 19.17 -20.85
CA LYS A 124 -6.17 19.89 -19.75
C LYS A 124 -5.71 18.90 -18.70
N VAL A 125 -4.51 19.09 -18.18
CA VAL A 125 -4.04 18.26 -17.06
C VAL A 125 -4.84 18.67 -15.85
N VAL A 126 -5.52 17.73 -15.22
CA VAL A 126 -6.29 18.07 -14.04
C VAL A 126 -5.62 17.62 -12.74
N GLU A 127 -4.82 16.57 -12.80
CA GLU A 127 -4.24 15.96 -11.60
C GLU A 127 -2.98 15.19 -11.96
N GLN A 128 -2.00 15.27 -11.07
CA GLN A 128 -0.78 14.50 -11.14
C GLN A 128 -0.76 13.57 -9.92
N ILE A 129 -0.51 12.29 -10.15
CA ILE A 129 -0.64 11.26 -9.12
C ILE A 129 0.65 10.43 -9.02
N ILE A 130 1.21 10.34 -7.83
CA ILE A 130 2.50 9.68 -7.66
C ILE A 130 2.41 8.47 -6.75
N GLY A 131 3.03 7.37 -7.18
CA GLY A 131 3.10 6.18 -6.36
C GLY A 131 2.02 5.17 -6.69
N GLU A 132 2.20 3.94 -6.23
CA GLU A 132 1.24 2.89 -6.50
C GLU A 132 -0.14 3.25 -5.94
N GLN A 133 -1.16 2.87 -6.70
CA GLN A 133 -2.54 3.14 -6.37
C GLN A 133 -3.27 1.80 -6.31
N THR A 134 -4.38 1.77 -5.58
CA THR A 134 -5.17 0.56 -5.47
C THR A 134 -6.19 0.59 -6.60
N LYS A 135 -6.88 -0.53 -6.80
CA LYS A 135 -7.84 -0.62 -7.89
C LYS A 135 -8.97 0.38 -7.66
N GLU A 136 -9.41 0.45 -6.41
CA GLU A 136 -10.44 1.39 -6.00
C GLU A 136 -9.99 2.81 -6.33
N GLN A 137 -8.73 3.13 -6.00
CA GLN A 137 -8.17 4.45 -6.27
C GLN A 137 -8.18 4.77 -7.76
N LEU A 138 -7.65 3.85 -8.55
CA LEU A 138 -7.57 4.02 -9.99
C LEU A 138 -8.95 4.28 -10.59
N GLU A 139 -9.94 3.47 -10.21
CA GLU A 139 -11.29 3.65 -10.74
C GLU A 139 -11.78 5.08 -10.45
N GLY A 140 -11.43 5.57 -9.27
CA GLY A 140 -11.79 6.92 -8.88
C GLY A 140 -11.27 7.93 -9.89
N TYR A 141 -9.98 7.82 -10.21
CA TYR A 141 -9.37 8.72 -11.17
C TYR A 141 -10.05 8.60 -12.52
N LEU A 142 -10.37 7.37 -12.91
CA LEU A 142 -10.97 7.13 -14.20
C LEU A 142 -12.37 7.76 -14.29
N LYS A 143 -13.13 7.67 -13.21
CA LYS A 143 -14.40 8.39 -13.11
C LYS A 143 -14.23 9.90 -13.23
N LYS A 144 -13.18 10.44 -12.61
CA LYS A 144 -12.91 11.88 -12.65
C LYS A 144 -12.61 12.45 -14.06
N ILE A 145 -12.31 11.59 -15.03
CA ILE A 145 -12.07 12.06 -16.39
C ILE A 145 -12.96 11.40 -17.46
N THR A 146 -14.04 10.77 -17.03
CA THR A 146 -15.04 10.21 -17.93
C THR A 146 -15.76 11.35 -18.69
N PRO A 147 -15.70 11.36 -20.03
CA PRO A 147 -16.29 12.46 -20.81
C PRO A 147 -17.80 12.59 -20.61
N LYS B 8 -5.14 34.16 6.40
CA LYS B 8 -6.05 33.32 5.59
C LYS B 8 -5.94 31.78 5.78
N MSE B 9 -4.72 31.25 5.88
CA MSE B 9 -4.54 29.80 5.94
C MSE B 9 -5.15 29.17 7.20
O MSE B 9 -5.23 29.78 8.26
CB MSE B 9 -3.06 29.40 5.75
CG MSE B 9 -2.25 29.23 7.04
SE MSE B 9 -2.32 27.46 7.88
CE MSE B 9 -1.75 27.98 9.66
N GLN B 10 -5.58 27.91 7.07
CA GLN B 10 -6.25 27.16 8.13
C GLN B 10 -5.87 25.67 8.02
N ILE B 11 -5.28 25.12 9.08
CA ILE B 11 -4.86 23.72 9.11
C ILE B 11 -5.99 22.82 8.65
N GLY B 12 -5.69 21.86 7.81
CA GLY B 12 -6.68 20.89 7.38
C GLY B 12 -7.43 21.33 6.14
N LYS B 13 -7.27 22.58 5.76
CA LYS B 13 -7.90 23.09 4.54
C LYS B 13 -6.87 23.31 3.43
N GLU B 14 -7.34 23.43 2.19
CA GLU B 14 -6.47 23.69 1.04
C GLU B 14 -5.49 24.84 1.29
N ALA B 15 -4.24 24.68 0.86
CA ALA B 15 -3.25 25.73 1.03
C ALA B 15 -3.50 26.82 0.00
N PRO B 16 -3.41 28.08 0.43
CA PRO B 16 -3.55 29.24 -0.46
C PRO B 16 -2.50 29.21 -1.55
N ASN B 17 -2.94 29.32 -2.79
CA ASN B 17 -2.06 29.27 -3.94
C ASN B 17 -1.17 30.51 -3.98
N PHE B 18 0.00 30.38 -4.58
CA PHE B 18 0.84 31.54 -4.84
C PHE B 18 1.57 31.39 -6.16
N VAL B 19 1.96 32.52 -6.71
CA VAL B 19 2.82 32.54 -7.88
C VAL B 19 4.01 33.39 -7.51
N VAL B 20 5.19 32.84 -7.70
CA VAL B 20 6.41 33.59 -7.45
C VAL B 20 7.33 33.24 -8.58
N THR B 21 8.39 34.00 -8.69
CA THR B 21 9.40 33.71 -9.67
C THR B 21 10.63 33.31 -8.90
N ASP B 22 11.20 32.18 -9.24
CA ASP B 22 12.40 31.78 -8.55
C ASP B 22 13.55 32.65 -9.02
N LEU B 23 14.72 32.42 -8.47
CA LEU B 23 15.83 33.35 -8.61
C LEU B 23 16.17 33.59 -10.07
N GLU B 24 15.80 32.64 -10.90
CA GLU B 24 16.32 32.55 -12.26
C GLU B 24 15.26 32.78 -13.31
N GLY B 25 14.12 33.33 -12.90
CA GLY B 25 13.03 33.62 -13.83
C GLY B 25 11.94 32.58 -13.86
N LYS B 26 12.31 31.32 -13.62
CA LYS B 26 11.39 30.19 -13.79
C LYS B 26 10.21 30.29 -12.85
N LYS B 27 9.04 30.30 -13.43
N LYS B 27 9.03 30.37 -13.43
CA LYS B 27 7.83 30.48 -12.67
CA LYS B 27 7.77 30.47 -12.68
C LYS B 27 7.66 29.31 -11.67
C LYS B 27 7.55 29.30 -11.71
N ILE B 28 7.18 29.62 -10.46
CA ILE B 28 6.73 28.60 -9.51
C ILE B 28 5.30 28.87 -9.05
N GLU B 29 4.39 27.95 -9.33
CA GLU B 29 3.01 28.09 -8.93
C GLU B 29 2.61 26.91 -8.02
N LEU B 30 2.10 27.20 -6.82
CA LEU B 30 1.84 26.16 -5.84
C LEU B 30 0.82 25.14 -6.34
N LYS B 31 -0.05 25.57 -7.24
CA LYS B 31 -0.99 24.68 -7.92
C LYS B 31 -0.29 23.54 -8.64
N ASP B 32 0.78 23.88 -9.36
CA ASP B 32 1.52 22.92 -10.16
C ASP B 32 2.12 21.82 -9.30
N LEU B 33 2.13 22.03 -7.98
CA LEU B 33 2.76 21.07 -7.06
C LEU B 33 1.79 20.06 -6.48
N LYS B 34 0.50 20.24 -6.75
CA LYS B 34 -0.46 19.25 -6.31
C LYS B 34 -0.09 17.86 -6.86
N GLY B 35 -0.09 16.85 -6.00
CA GLY B 35 0.39 15.53 -6.33
C GLY B 35 1.73 15.26 -5.67
N LYS B 36 2.46 16.33 -5.38
CA LYS B 36 3.71 16.24 -4.63
C LYS B 36 3.47 16.68 -3.20
N GLY B 37 4.28 16.18 -2.27
CA GLY B 37 4.30 16.75 -0.95
C GLY B 37 5.11 18.03 -1.06
N VAL B 38 4.76 19.03 -0.26
CA VAL B 38 5.48 20.31 -0.27
C VAL B 38 5.91 20.75 1.14
N PHE B 39 7.23 20.94 1.30
CA PHE B 39 7.74 21.54 2.51
C PHE B 39 7.95 23.03 2.21
N LEU B 40 7.08 23.87 2.77
CA LEU B 40 7.11 25.30 2.51
C LEU B 40 7.79 26.00 3.67
N ASN B 41 8.93 26.64 3.40
CA ASN B 41 9.73 27.27 4.44
C ASN B 41 9.74 28.77 4.23
N PHE B 42 9.64 29.55 5.30
CA PHE B 42 9.73 30.99 5.22
C PHE B 42 10.97 31.41 5.99
N TRP B 43 11.90 32.12 5.32
CA TRP B 43 13.23 32.36 5.88
C TRP B 43 13.78 33.74 5.50
N GLY B 44 14.96 34.08 6.02
CA GLY B 44 15.69 35.28 5.63
C GLY B 44 17.18 35.11 5.87
N THR B 45 18.01 35.83 5.10
CA THR B 45 19.48 35.65 5.14
C THR B 45 20.13 36.06 6.46
N TRP B 46 19.49 37.00 7.14
CA TRP B 46 19.97 37.53 8.40
C TRP B 46 19.58 36.66 9.58
N CYS B 47 18.68 35.74 9.34
CA CYS B 47 18.03 35.04 10.41
C CYS B 47 18.86 33.83 10.85
N LYS B 48 19.32 33.88 12.08
CA LYS B 48 20.22 32.84 12.60
C LYS B 48 19.62 31.43 12.63
N PRO B 49 18.38 31.27 13.12
CA PRO B 49 17.87 29.89 13.10
C PRO B 49 17.67 29.36 11.67
N CYS B 50 17.32 30.25 10.75
CA CYS B 50 17.27 29.88 9.36
C CYS B 50 18.64 29.47 8.81
N GLU B 51 19.69 30.24 9.11
CA GLU B 51 21.05 29.84 8.77
C GLU B 51 21.42 28.46 9.29
N LYS B 52 20.91 28.11 10.48
CA LYS B 52 21.26 26.84 11.08
C LYS B 52 20.56 25.66 10.39
N GLU B 53 19.29 25.84 10.05
CA GLU B 53 18.49 24.70 9.63
C GLU B 53 18.49 24.42 8.14
N MSE B 54 18.90 25.40 7.34
N MSE B 54 18.89 25.41 7.34
CA MSE B 54 18.85 25.22 5.88
CA MSE B 54 18.84 25.22 5.89
C MSE B 54 19.86 24.23 5.29
C MSE B 54 19.86 24.24 5.29
O MSE B 54 19.56 23.54 4.34
O MSE B 54 19.55 23.55 4.33
CB MSE B 54 18.87 26.55 5.15
CB MSE B 54 18.84 26.57 5.18
CG MSE B 54 17.67 27.38 5.52
CG MSE B 54 17.57 27.35 5.46
SE MSE B 54 17.55 29.10 4.69
SE MSE B 54 16.60 27.68 3.82
CE MSE B 54 16.81 28.54 2.97
CE MSE B 54 17.66 29.15 3.18
N PRO B 55 21.09 24.18 5.85
CA PRO B 55 21.96 23.09 5.38
C PRO B 55 21.37 21.69 5.65
N TYR B 56 20.62 21.51 6.73
CA TYR B 56 20.00 20.24 7.01
C TYR B 56 18.99 19.90 5.93
N MSE B 57 18.09 20.83 5.61
N MSE B 57 18.08 20.85 5.67
CA MSE B 57 17.11 20.53 4.56
CA MSE B 57 17.12 20.77 4.57
C MSE B 57 17.77 20.37 3.19
C MSE B 57 17.79 20.38 3.27
O MSE B 57 17.29 19.60 2.36
O MSE B 57 17.34 19.49 2.56
CB MSE B 57 15.96 21.55 4.54
CB MSE B 57 16.41 22.13 4.38
CG MSE B 57 16.37 23.00 4.46
CG MSE B 57 15.46 22.49 5.52
SE MSE B 57 14.82 24.19 4.63
SE MSE B 57 14.82 24.35 5.53
CE MSE B 57 14.28 23.72 6.44
CE MSE B 57 13.96 24.35 3.81
N ASN B 58 18.88 21.06 2.97
CA ASN B 58 19.63 20.86 1.74
C ASN B 58 20.23 19.44 1.60
N GLU B 59 20.83 18.93 2.67
CA GLU B 59 21.38 17.57 2.67
C GLU B 59 20.27 16.53 2.48
N LEU B 60 19.11 16.79 3.05
CA LEU B 60 17.97 15.87 2.92
C LEU B 60 17.28 15.98 1.57
N TYR B 61 17.49 17.10 0.87
CA TYR B 61 16.66 17.43 -0.29
C TYR B 61 16.65 16.37 -1.37
N PRO B 62 17.81 16.08 -2.00
CA PRO B 62 17.76 15.16 -3.15
C PRO B 62 17.14 13.78 -2.86
N LYS B 63 17.24 13.29 -1.64
CA LYS B 63 16.64 12.01 -1.26
C LYS B 63 15.13 12.08 -1.35
N TYR B 64 14.58 13.18 -0.86
CA TYR B 64 13.13 13.28 -0.83
C TYR B 64 12.55 13.82 -2.12
N LYS B 65 13.38 14.51 -2.91
CA LYS B 65 12.93 14.93 -4.23
C LYS B 65 12.68 13.71 -5.09
N GLU B 66 13.60 12.76 -5.05
CA GLU B 66 13.48 11.48 -5.76
C GLU B 66 12.21 10.74 -5.37
N LYS B 67 11.57 11.16 -4.28
CA LYS B 67 10.38 10.53 -3.72
C LYS B 67 9.08 11.30 -3.97
N GLY B 68 9.17 12.49 -4.55
CA GLY B 68 7.98 13.28 -4.86
C GLY B 68 7.67 14.35 -3.83
N VAL B 69 8.68 14.76 -3.07
CA VAL B 69 8.55 15.89 -2.17
C VAL B 69 9.33 17.07 -2.74
N GLU B 70 8.74 18.26 -2.69
CA GLU B 70 9.44 19.45 -3.15
C GLU B 70 9.62 20.35 -1.94
N ILE B 71 10.76 21.02 -1.86
CA ILE B 71 10.95 22.06 -0.86
C ILE B 71 10.88 23.40 -1.56
N ILE B 72 10.04 24.31 -1.05
CA ILE B 72 10.00 25.68 -1.56
C ILE B 72 10.30 26.64 -0.43
N ALA B 73 11.42 27.34 -0.54
CA ALA B 73 11.89 28.25 0.50
C ALA B 73 11.68 29.70 0.09
N LEU B 74 10.67 30.34 0.69
CA LEU B 74 10.34 31.72 0.38
C LEU B 74 11.05 32.68 1.30
N ASP B 75 11.83 33.56 0.69
CA ASP B 75 12.58 34.58 1.41
C ASP B 75 11.72 35.79 1.75
N ALA B 76 11.95 36.36 2.92
CA ALA B 76 11.18 37.51 3.37
C ALA B 76 11.61 38.84 2.72
N ASP B 77 11.43 38.95 1.41
CA ASP B 77 11.46 40.24 0.72
C ASP B 77 12.80 41.00 0.76
N GLU B 78 13.90 40.26 0.64
CA GLU B 78 15.22 40.88 0.56
C GLU B 78 15.60 41.14 -0.89
N THR B 79 16.68 41.88 -1.12
CA THR B 79 17.10 42.15 -2.48
C THR B 79 17.49 40.88 -3.21
N ASP B 80 17.39 40.91 -4.53
CA ASP B 80 17.71 39.75 -5.35
C ASP B 80 19.14 39.26 -5.15
N ILE B 81 20.09 40.19 -5.04
CA ILE B 81 21.50 39.85 -4.84
C ILE B 81 21.82 39.25 -3.46
N ALA B 82 21.15 39.74 -2.41
CA ALA B 82 21.33 39.15 -1.08
C ALA B 82 20.91 37.67 -1.10
N VAL B 83 19.72 37.41 -1.63
CA VAL B 83 19.18 36.05 -1.70
C VAL B 83 19.99 35.14 -2.62
N LYS B 84 20.39 35.65 -3.78
CA LYS B 84 21.22 34.86 -4.69
C LYS B 84 22.57 34.50 -4.06
N ASN B 85 23.17 35.47 -3.37
CA ASN B 85 24.44 35.28 -2.65
C ASN B 85 24.33 34.18 -1.63
N PHE B 86 23.27 34.22 -0.84
CA PHE B 86 23.04 33.22 0.20
C PHE B 86 22.88 31.82 -0.43
N VAL B 87 22.08 31.74 -1.50
CA VAL B 87 21.86 30.47 -2.15
C VAL B 87 23.18 29.84 -2.60
N ASN B 88 24.04 30.64 -3.23
CA ASN B 88 25.31 30.09 -3.69
C ASN B 88 26.25 29.83 -2.53
N GLN B 89 26.20 30.71 -1.54
CA GLN B 89 27.05 30.59 -0.37
C GLN B 89 26.77 29.27 0.34
N TYR B 90 25.49 28.89 0.37
CA TYR B 90 25.04 27.69 1.06
C TYR B 90 24.88 26.49 0.14
N GLY B 91 25.05 26.70 -1.16
CA GLY B 91 24.90 25.61 -2.11
C GLY B 91 23.51 25.01 -2.15
N LEU B 92 22.49 25.86 -1.97
CA LEU B 92 21.13 25.35 -1.85
C LEU B 92 20.63 24.77 -3.17
N LYS B 93 20.03 23.59 -3.10
CA LYS B 93 19.63 22.84 -4.28
C LYS B 93 18.14 23.01 -4.60
N PHE B 94 17.35 23.30 -3.58
CA PHE B 94 15.89 23.37 -3.70
C PHE B 94 15.40 24.73 -4.25
N PRO B 95 14.16 24.78 -4.74
CA PRO B 95 13.65 26.08 -5.21
C PRO B 95 13.65 27.15 -4.12
N VAL B 96 14.14 28.33 -4.50
CA VAL B 96 14.14 29.53 -3.66
C VAL B 96 13.51 30.68 -4.45
N ALA B 97 12.67 31.45 -3.75
CA ALA B 97 11.99 32.55 -4.38
C ALA B 97 11.79 33.61 -3.33
N ILE B 98 11.71 34.86 -3.76
CA ILE B 98 11.45 35.96 -2.84
C ILE B 98 9.96 36.28 -2.79
N ASP B 99 9.43 36.38 -1.58
CA ASP B 99 8.04 36.74 -1.34
C ASP B 99 7.93 38.27 -1.38
N LYS B 100 7.99 38.84 -2.59
CA LYS B 100 7.95 40.30 -2.77
C LYS B 100 6.69 40.87 -2.16
N GLY B 101 6.87 41.83 -1.27
CA GLY B 101 5.75 42.49 -0.62
C GLY B 101 5.31 41.80 0.65
N GLN B 102 6.02 40.74 1.02
CA GLN B 102 5.64 39.85 2.13
C GLN B 102 4.16 39.45 2.07
N LYS B 103 3.63 39.32 0.86
CA LYS B 103 2.21 39.08 0.68
C LYS B 103 1.83 37.65 1.11
N ILE B 104 2.75 36.71 0.89
CA ILE B 104 2.50 35.32 1.21
C ILE B 104 2.67 35.11 2.71
N ILE B 105 3.69 35.75 3.27
CA ILE B 105 3.92 35.75 4.70
C ILE B 105 2.67 36.24 5.45
N GLY B 106 2.06 37.30 4.94
CA GLY B 106 0.85 37.83 5.55
C GLY B 106 -0.29 36.82 5.49
N THR B 107 -0.48 36.22 4.32
CA THR B 107 -1.52 35.21 4.15
C THR B 107 -1.35 34.00 5.05
N TYR B 108 -0.13 33.50 5.17
CA TYR B 108 0.11 32.34 6.01
C TYR B 108 0.20 32.65 7.50
N GLY B 109 -0.05 33.90 7.87
CA GLY B 109 -0.03 34.28 9.27
C GLY B 109 1.31 34.02 9.91
N VAL B 110 2.36 34.21 9.12
CA VAL B 110 3.72 33.92 9.52
C VAL B 110 4.27 34.96 10.52
N GLY B 111 4.67 34.48 11.69
CA GLY B 111 5.32 35.33 12.68
C GLY B 111 6.84 35.28 12.58
N PRO B 112 7.52 34.91 13.68
CA PRO B 112 8.98 34.81 13.71
C PRO B 112 9.49 33.75 12.75
N LEU B 113 10.65 34.00 12.16
N LEU B 113 10.63 34.03 12.12
CA LEU B 113 11.22 33.11 11.17
CA LEU B 113 11.23 33.11 11.17
C LEU B 113 12.26 32.23 11.87
C LEU B 113 12.27 32.23 11.86
N PRO B 114 12.47 31.01 11.36
CA PRO B 114 11.75 30.39 10.23
C PRO B 114 10.39 29.84 10.64
N THR B 115 9.44 29.86 9.70
CA THR B 115 8.18 29.13 9.84
C THR B 115 8.06 28.23 8.64
N SER B 116 7.59 27.00 8.84
CA SER B 116 7.39 26.09 7.72
C SER B 116 6.00 25.49 7.79
N PHE B 117 5.50 25.05 6.65
CA PHE B 117 4.21 24.37 6.61
C PHE B 117 4.36 23.07 5.86
N LEU B 118 3.81 22.02 6.43
CA LEU B 118 3.76 20.73 5.76
C LEU B 118 2.49 20.67 4.92
N ILE B 119 2.65 20.54 3.60
CA ILE B 119 1.52 20.50 2.68
C ILE B 119 1.49 19.17 1.94
N ASP B 120 0.39 18.42 2.09
CA ASP B 120 0.28 17.09 1.50
C ASP B 120 0.02 17.10 -0.01
N LYS B 121 0.01 15.92 -0.63
CA LYS B 121 -0.22 15.81 -2.07
C LYS B 121 -1.61 16.29 -2.52
N ASP B 122 -2.50 16.50 -1.56
CA ASP B 122 -3.83 16.99 -1.88
C ASP B 122 -3.91 18.50 -1.79
N GLY B 123 -2.79 19.14 -1.51
CA GLY B 123 -2.74 20.59 -1.44
C GLY B 123 -3.11 21.12 -0.06
N LYS B 124 -3.39 20.22 0.87
CA LYS B 124 -3.84 20.58 2.21
C LYS B 124 -2.71 20.89 3.19
N VAL B 125 -2.85 21.97 3.96
CA VAL B 125 -1.91 22.21 5.04
C VAL B 125 -2.19 21.25 6.17
N VAL B 126 -1.24 20.34 6.39
CA VAL B 126 -1.37 19.35 7.46
C VAL B 126 -0.88 19.93 8.80
N GLU B 127 0.16 20.76 8.73
CA GLU B 127 0.88 21.12 9.93
C GLU B 127 1.62 22.43 9.72
N GLN B 128 1.90 23.12 10.82
CA GLN B 128 2.73 24.31 10.83
C GLN B 128 3.92 24.07 11.78
N ILE B 129 5.11 24.44 11.34
CA ILE B 129 6.34 24.23 12.09
C ILE B 129 7.02 25.57 12.41
N ILE B 130 7.27 25.82 13.68
CA ILE B 130 7.78 27.12 14.06
C ILE B 130 9.13 27.01 14.77
N GLY B 131 10.05 27.92 14.42
CA GLY B 131 11.38 27.90 15.01
C GLY B 131 12.36 26.96 14.33
N GLU B 132 13.65 27.11 14.67
CA GLU B 132 14.70 26.25 14.14
C GLU B 132 14.40 24.78 14.38
N GLN B 133 14.80 23.93 13.44
CA GLN B 133 14.51 22.53 13.56
C GLN B 133 15.81 21.75 13.52
N THR B 134 15.82 20.55 14.09
CA THR B 134 16.96 19.65 13.95
C THR B 134 16.83 18.91 12.64
N LYS B 135 17.93 18.34 12.17
CA LYS B 135 17.91 17.55 10.94
C LYS B 135 16.91 16.39 11.11
N GLU B 136 16.92 15.77 12.28
CA GLU B 136 15.99 14.70 12.59
C GLU B 136 14.53 15.15 12.45
N GLN B 137 14.23 16.29 13.04
CA GLN B 137 12.89 16.83 12.95
C GLN B 137 12.49 17.04 11.51
N LEU B 138 13.39 17.63 10.73
CA LEU B 138 13.13 17.92 9.32
C LEU B 138 12.93 16.67 8.46
N GLU B 139 13.70 15.62 8.72
CA GLU B 139 13.52 14.39 7.95
C GLU B 139 12.17 13.74 8.28
N GLY B 140 11.76 13.78 9.53
CA GLY B 140 10.44 13.29 9.90
C GLY B 140 9.32 14.03 9.15
N TYR B 141 9.48 15.34 9.01
CA TYR B 141 8.55 16.14 8.24
C TYR B 141 8.50 15.73 6.78
N LEU B 142 9.68 15.58 6.17
CA LEU B 142 9.76 15.16 4.77
C LEU B 142 9.20 13.73 4.53
N LYS B 143 9.38 12.84 5.51
CA LYS B 143 8.77 11.50 5.46
C LYS B 143 7.26 11.61 5.55
N LYS B 144 6.81 12.51 6.42
CA LYS B 144 5.40 12.72 6.68
C LYS B 144 4.61 13.15 5.45
N ILE B 145 5.25 13.89 4.55
CA ILE B 145 4.53 14.35 3.35
C ILE B 145 4.94 13.66 2.03
N THR B 146 5.68 12.55 2.12
CA THR B 146 6.07 11.79 0.92
C THR B 146 4.83 11.13 0.34
N PRO B 147 4.57 11.33 -0.97
CA PRO B 147 3.36 10.77 -1.58
C PRO B 147 3.31 9.24 -1.55
N SER C 1 -26.36 -19.58 23.84
CA SER C 1 -27.33 -18.70 24.46
C SER C 1 -26.88 -17.23 24.41
N ASN C 2 -25.84 -16.97 23.65
CA ASN C 2 -25.46 -15.62 23.28
C ASN C 2 -25.02 -15.68 21.82
N ALA C 3 -25.45 -14.71 21.01
CA ALA C 3 -25.11 -14.74 19.60
C ALA C 3 -23.60 -14.60 19.38
N ALA C 4 -22.89 -14.13 20.40
CA ALA C 4 -21.46 -13.89 20.32
C ALA C 4 -20.65 -15.19 20.41
N ASP C 5 -21.28 -16.24 20.91
CA ASP C 5 -20.64 -17.55 21.03
C ASP C 5 -20.10 -17.99 19.67
N LYS C 6 -20.97 -17.98 18.67
CA LYS C 6 -20.63 -18.49 17.35
C LYS C 6 -20.28 -17.37 16.38
N GLU C 7 -20.09 -16.16 16.89
CA GLU C 7 -19.65 -15.05 16.06
C GLU C 7 -18.27 -15.36 15.50
N LYS C 8 -18.13 -15.25 14.17
CA LYS C 8 -16.87 -15.57 13.52
C LYS C 8 -16.42 -14.46 12.58
N MSE C 9 -15.24 -14.62 12.00
CA MSE C 9 -14.70 -13.62 11.11
C MSE C 9 -14.56 -14.21 9.73
O MSE C 9 -14.35 -15.40 9.60
CB MSE C 9 -13.35 -13.11 11.61
CG MSE C 9 -12.14 -13.59 10.82
SE MSE C 9 -11.75 -12.46 9.28
CE MSE C 9 -10.17 -13.38 8.62
N GLN C 10 -14.70 -13.38 8.70
CA GLN C 10 -14.47 -13.84 7.34
C GLN C 10 -13.91 -12.77 6.40
N ILE C 11 -12.84 -13.14 5.68
CA ILE C 11 -12.23 -12.27 4.67
C ILE C 11 -13.27 -11.83 3.63
N GLY C 12 -13.30 -10.52 3.33
CA GLY C 12 -14.27 -9.95 2.40
C GLY C 12 -15.58 -9.54 3.03
N LYS C 13 -15.88 -10.10 4.19
CA LYS C 13 -17.14 -9.82 4.87
C LYS C 13 -16.92 -8.73 5.92
N GLU C 14 -17.99 -8.02 6.25
CA GLU C 14 -17.98 -7.06 7.33
C GLU C 14 -17.27 -7.68 8.53
N ALA C 15 -16.29 -6.98 9.07
CA ALA C 15 -15.54 -7.43 10.23
C ALA C 15 -16.47 -7.63 11.40
N PRO C 16 -16.26 -8.71 12.19
CA PRO C 16 -17.00 -8.93 13.44
C PRO C 16 -16.83 -7.73 14.35
N ASN C 17 -17.93 -7.21 14.90
CA ASN C 17 -17.86 -6.01 15.71
C ASN C 17 -17.28 -6.30 17.09
N PHE C 18 -16.71 -5.28 17.70
CA PHE C 18 -16.26 -5.37 19.07
C PHE C 18 -16.33 -4.03 19.77
N VAL C 19 -16.32 -4.09 21.09
CA VAL C 19 -16.22 -2.90 21.93
C VAL C 19 -15.13 -3.12 22.98
N VAL C 20 -14.19 -2.19 23.07
CA VAL C 20 -13.11 -2.21 24.07
C VAL C 20 -12.92 -0.82 24.63
N THR C 21 -12.21 -0.70 25.73
CA THR C 21 -11.87 0.62 26.22
C THR C 21 -10.35 0.74 26.16
N ASP C 22 -9.84 1.84 25.64
CA ASP C 22 -8.41 2.03 25.43
C ASP C 22 -7.63 2.51 26.67
N LEU C 23 -6.32 2.64 26.54
CA LEU C 23 -5.51 3.06 27.67
C LEU C 23 -5.87 4.46 28.16
N GLU C 24 -6.39 5.30 27.26
CA GLU C 24 -6.84 6.64 27.64
C GLU C 24 -8.22 6.64 28.28
N GLY C 25 -8.86 5.46 28.33
CA GLY C 25 -10.20 5.33 28.88
C GLY C 25 -11.33 5.56 27.88
N LYS C 26 -10.98 5.75 26.62
CA LYS C 26 -11.99 5.98 25.60
C LYS C 26 -12.59 4.66 25.08
N LYS C 27 -13.87 4.73 24.75
CA LYS C 27 -14.56 3.59 24.19
C LYS C 27 -14.22 3.47 22.72
N ILE C 28 -13.94 2.24 22.29
CA ILE C 28 -13.66 1.95 20.89
C ILE C 28 -14.63 0.86 20.43
N GLU C 29 -15.56 1.21 19.56
CA GLU C 29 -16.44 0.25 18.90
C GLU C 29 -16.16 0.21 17.40
N LEU C 30 -15.81 -0.96 16.90
CA LEU C 30 -15.30 -1.07 15.55
C LEU C 30 -16.30 -0.54 14.53
N LYS C 31 -17.56 -0.94 14.65
CA LYS C 31 -18.50 -0.59 13.60
C LYS C 31 -18.81 0.91 13.52
N ASP C 32 -18.45 1.69 14.53
CA ASP C 32 -18.60 3.14 14.46
C ASP C 32 -17.45 3.78 13.71
N LEU C 33 -16.51 2.96 13.27
CA LEU C 33 -15.35 3.46 12.55
C LEU C 33 -15.55 3.41 11.04
N LYS C 34 -16.75 2.98 10.61
CA LYS C 34 -17.10 2.96 9.19
C LYS C 34 -16.89 4.35 8.65
N GLY C 35 -16.37 4.45 7.43
CA GLY C 35 -15.96 5.73 6.90
C GLY C 35 -14.46 5.95 7.04
N LYS C 36 -13.87 5.34 8.08
CA LYS C 36 -12.43 5.30 8.26
C LYS C 36 -11.85 3.95 7.88
N GLY C 37 -10.60 3.93 7.43
CA GLY C 37 -9.83 2.72 7.36
C GLY C 37 -9.39 2.30 8.76
N VAL C 38 -9.27 1.00 9.02
CA VAL C 38 -8.81 0.52 10.32
C VAL C 38 -7.75 -0.55 10.16
N PHE C 39 -6.55 -0.26 10.65
CA PHE C 39 -5.47 -1.24 10.76
C PHE C 39 -5.55 -1.86 12.16
N LEU C 40 -6.00 -3.10 12.22
CA LEU C 40 -6.27 -3.77 13.49
C LEU C 40 -5.10 -4.71 13.80
N ASN C 41 -4.31 -4.37 14.81
CA ASN C 41 -3.11 -5.11 15.13
C ASN C 41 -3.34 -5.89 16.43
N PHE C 42 -2.90 -7.14 16.46
CA PHE C 42 -2.89 -7.95 17.67
C PHE C 42 -1.44 -8.16 18.08
N TRP C 43 -1.14 -7.91 19.34
CA TRP C 43 0.23 -7.84 19.79
C TRP C 43 0.34 -8.19 21.26
N GLY C 44 1.58 -8.40 21.73
CA GLY C 44 1.86 -8.56 23.14
C GLY C 44 3.22 -7.97 23.47
N THR C 45 3.43 -7.59 24.72
CA THR C 45 4.67 -6.88 25.08
C THR C 45 5.90 -7.77 24.99
N TRP C 46 5.71 -9.07 25.20
CA TRP C 46 6.83 -9.99 25.28
C TRP C 46 7.37 -10.31 23.88
N CYS C 47 6.49 -10.28 22.90
N CYS C 47 6.50 -10.24 22.89
CA CYS C 47 6.85 -10.65 21.54
CA CYS C 47 6.90 -10.56 21.52
C CYS C 47 7.80 -9.63 20.93
C CYS C 47 7.91 -9.55 20.97
N LYS C 48 9.04 -10.05 20.69
N LYS C 48 9.12 -10.01 20.69
CA LYS C 48 10.05 -9.16 20.12
CA LYS C 48 10.13 -9.16 20.09
C LYS C 48 9.71 -8.54 18.75
C LYS C 48 9.73 -8.54 18.73
N PRO C 49 9.13 -9.32 17.82
CA PRO C 49 8.74 -8.66 16.57
C PRO C 49 7.62 -7.64 16.76
N CYS C 50 6.74 -7.84 17.73
CA CYS C 50 5.80 -6.78 18.08
C CYS C 50 6.57 -5.55 18.52
N GLU C 51 7.58 -5.73 19.35
CA GLU C 51 8.35 -4.60 19.86
C GLU C 51 9.18 -3.95 18.75
N LYS C 52 9.39 -4.67 17.67
CA LYS C 52 10.13 -4.12 16.56
C LYS C 52 9.22 -3.25 15.69
N GLU C 53 7.97 -3.68 15.52
CA GLU C 53 7.11 -3.00 14.55
C GLU C 53 6.29 -1.85 15.10
N MSE C 54 6.15 -1.77 16.41
N MSE C 54 6.14 -1.80 16.41
CA MSE C 54 5.37 -0.68 17.01
CA MSE C 54 5.43 -0.70 17.08
C MSE C 54 5.94 0.74 16.79
C MSE C 54 5.95 0.71 16.76
O MSE C 54 5.17 1.67 16.59
O MSE C 54 5.16 1.60 16.50
CB MSE C 54 5.08 -0.97 18.49
CB MSE C 54 5.39 -0.87 18.61
CG MSE C 54 4.19 -2.19 18.70
CG MSE C 54 4.73 -2.12 19.12
SE MSE C 54 3.34 -2.34 20.45
SE MSE C 54 3.05 -2.57 18.26
CE MSE C 54 1.52 -1.82 19.95
CE MSE C 54 1.87 -2.34 19.79
N PRO C 55 7.27 0.91 16.80
CA PRO C 55 7.72 2.26 16.46
C PRO C 55 7.50 2.62 14.99
N TYR C 56 7.52 1.63 14.10
CA TYR C 56 7.18 1.85 12.71
C TYR C 56 5.73 2.30 12.60
N MSE C 57 4.82 1.62 13.29
N MSE C 57 4.85 1.61 13.33
CA MSE C 57 3.42 2.02 13.28
CA MSE C 57 3.43 1.97 13.35
C MSE C 57 3.27 3.42 13.85
C MSE C 57 3.26 3.38 13.87
O MSE C 57 2.49 4.23 13.35
O MSE C 57 2.47 4.17 13.33
CB MSE C 57 2.55 1.00 14.04
CB MSE C 57 2.68 0.97 14.24
CG MSE C 57 2.48 -0.36 13.38
CG MSE C 57 1.26 0.66 13.77
SE MSE C 57 1.79 -1.79 14.55
SE MSE C 57 0.41 -0.75 14.82
CE MSE C 57 0.06 -1.07 15.01
CE MSE C 57 1.72 -2.17 14.55
N ASN C 58 4.00 3.72 14.92
CA ASN C 58 3.92 5.03 15.56
C ASN C 58 4.40 6.16 14.65
N GLU C 59 5.48 5.90 13.93
CA GLU C 59 6.03 6.82 12.94
C GLU C 59 5.03 7.15 11.84
N LEU C 60 4.35 6.13 11.35
CA LEU C 60 3.38 6.30 10.27
C LEU C 60 2.04 6.89 10.73
N TYR C 61 1.72 6.71 12.01
CA TYR C 61 0.37 6.97 12.51
C TYR C 61 -0.24 8.33 12.17
N PRO C 62 0.41 9.44 12.56
CA PRO C 62 -0.24 10.74 12.33
C PRO C 62 -0.42 11.03 10.85
N LYS C 63 0.51 10.54 10.04
CA LYS C 63 0.46 10.75 8.60
C LYS C 63 -0.82 10.16 8.01
N TYR C 64 -1.24 9.00 8.50
CA TYR C 64 -2.43 8.31 7.98
C TYR C 64 -3.69 8.57 8.79
N LYS C 65 -3.54 8.90 10.08
CA LYS C 65 -4.70 9.29 10.88
C LYS C 65 -5.34 10.53 10.22
N GLU C 66 -4.48 11.45 9.78
CA GLU C 66 -4.87 12.67 9.07
C GLU C 66 -5.78 12.39 7.87
N LYS C 67 -5.60 11.21 7.26
CA LYS C 67 -6.33 10.82 6.08
C LYS C 67 -7.51 9.89 6.31
N GLY C 68 -7.82 9.60 7.56
CA GLY C 68 -8.97 8.78 7.86
C GLY C 68 -8.65 7.30 8.01
N VAL C 69 -7.47 7.02 8.54
CA VAL C 69 -7.08 5.66 8.87
C VAL C 69 -6.76 5.63 10.35
N GLU C 70 -7.42 4.73 11.07
CA GLU C 70 -7.16 4.58 12.49
C GLU C 70 -6.35 3.31 12.67
N ILE C 71 -5.59 3.26 13.75
CA ILE C 71 -4.88 2.04 14.14
C ILE C 71 -5.43 1.61 15.49
N ILE C 72 -5.72 0.32 15.63
CA ILE C 72 -6.16 -0.20 16.91
C ILE C 72 -5.26 -1.37 17.27
N ALA C 73 -4.46 -1.20 18.31
CA ALA C 73 -3.52 -2.23 18.72
C ALA C 73 -4.07 -2.91 19.95
N LEU C 74 -4.62 -4.10 19.73
CA LEU C 74 -5.21 -4.91 20.78
C LEU C 74 -4.19 -5.85 21.40
N ASP C 75 -3.97 -5.69 22.70
CA ASP C 75 -2.97 -6.46 23.42
C ASP C 75 -3.52 -7.82 23.85
N ALA C 76 -2.70 -8.87 23.77
CA ALA C 76 -3.16 -10.22 24.05
C ALA C 76 -3.32 -10.57 25.52
N ASP C 77 -4.05 -9.74 26.25
CA ASP C 77 -4.53 -10.04 27.61
C ASP C 77 -3.49 -9.93 28.74
N GLU C 78 -2.39 -9.21 28.49
CA GLU C 78 -1.39 -8.96 29.53
C GLU C 78 -1.95 -7.99 30.57
N THR C 79 -1.14 -7.58 31.52
CA THR C 79 -1.64 -6.74 32.60
C THR C 79 -1.69 -5.29 32.18
N ASP C 80 -2.62 -4.53 32.76
CA ASP C 80 -2.72 -3.10 32.48
C ASP C 80 -1.43 -2.34 32.81
N ILE C 81 -0.77 -2.74 33.89
CA ILE C 81 0.50 -2.14 34.29
C ILE C 81 1.60 -2.50 33.29
N ALA C 82 1.63 -3.76 32.85
CA ALA C 82 2.60 -4.15 31.82
C ALA C 82 2.39 -3.36 30.55
N VAL C 83 1.15 -3.33 30.08
CA VAL C 83 0.81 -2.66 28.85
C VAL C 83 1.09 -1.16 28.90
N LYS C 84 0.69 -0.51 30.00
CA LYS C 84 0.93 0.94 30.12
C LYS C 84 2.41 1.29 30.14
N ASN C 85 3.22 0.48 30.83
CA ASN C 85 4.65 0.77 30.88
C ASN C 85 5.37 0.59 29.55
N PHE C 86 4.99 -0.45 28.81
CA PHE C 86 5.53 -0.66 27.49
C PHE C 86 5.14 0.51 26.56
N VAL C 87 3.87 0.91 26.58
CA VAL C 87 3.38 1.99 25.73
C VAL C 87 4.03 3.33 26.08
N ASN C 88 4.28 3.51 27.38
CA ASN C 88 4.94 4.69 27.89
C ASN C 88 6.35 4.82 27.33
N GLN C 89 7.12 3.75 27.45
CA GLN C 89 8.49 3.77 26.98
C GLN C 89 8.57 4.05 25.48
N TYR C 90 7.71 3.38 24.73
CA TYR C 90 7.81 3.45 23.28
C TYR C 90 7.02 4.62 22.75
N GLY C 91 6.48 5.45 23.64
CA GLY C 91 5.75 6.64 23.23
C GLY C 91 4.69 6.43 22.17
N LEU C 92 3.91 5.38 22.30
CA LEU C 92 2.98 5.01 21.24
C LEU C 92 1.76 5.89 21.29
N LYS C 93 1.43 6.51 20.17
CA LYS C 93 0.40 7.54 20.13
C LYS C 93 -0.93 7.03 19.61
N PHE C 94 -0.94 5.84 19.03
CA PHE C 94 -2.18 5.32 18.48
C PHE C 94 -2.94 4.64 19.59
N PRO C 95 -4.24 4.41 19.39
CA PRO C 95 -5.01 3.71 20.42
C PRO C 95 -4.53 2.28 20.73
N VAL C 96 -4.48 1.96 22.01
CA VAL C 96 -4.07 0.67 22.48
C VAL C 96 -5.12 0.24 23.49
N ALA C 97 -5.55 -1.00 23.40
CA ALA C 97 -6.53 -1.53 24.32
C ALA C 97 -6.23 -3.00 24.56
N ILE C 98 -6.58 -3.47 25.75
CA ILE C 98 -6.26 -4.83 26.13
C ILE C 98 -7.46 -5.69 25.82
N ASP C 99 -7.20 -6.79 25.11
CA ASP C 99 -8.21 -7.77 24.73
C ASP C 99 -8.42 -8.74 25.88
N LYS C 100 -9.31 -8.36 26.79
CA LYS C 100 -9.53 -9.13 28.02
C LYS C 100 -10.01 -10.54 27.69
N GLY C 101 -9.45 -11.52 28.38
CA GLY C 101 -9.81 -12.92 28.11
C GLY C 101 -9.54 -13.38 26.69
N GLN C 102 -8.85 -12.57 25.90
CA GLN C 102 -8.61 -12.87 24.49
C GLN C 102 -9.92 -13.16 23.74
N LYS C 103 -10.96 -12.43 24.11
CA LYS C 103 -12.29 -12.55 23.52
C LYS C 103 -12.33 -12.14 22.03
N ILE C 104 -11.57 -11.12 21.67
CA ILE C 104 -11.53 -10.69 20.28
C ILE C 104 -10.53 -11.53 19.48
N ILE C 105 -9.47 -11.98 20.15
CA ILE C 105 -8.46 -12.84 19.55
C ILE C 105 -9.10 -14.16 19.12
N GLY C 106 -9.97 -14.66 19.97
CA GLY C 106 -10.76 -15.83 19.65
C GLY C 106 -11.59 -15.61 18.40
N THR C 107 -12.36 -14.54 18.39
CA THR C 107 -13.28 -14.27 17.29
C THR C 107 -12.54 -14.06 15.97
N TYR C 108 -11.35 -13.46 16.00
CA TYR C 108 -10.58 -13.20 14.78
C TYR C 108 -9.60 -14.33 14.42
N GLY C 109 -9.65 -15.41 15.20
CA GLY C 109 -8.79 -16.57 15.01
C GLY C 109 -7.27 -16.35 15.11
N VAL C 110 -6.84 -15.44 15.97
CA VAL C 110 -5.43 -15.05 16.05
C VAL C 110 -4.61 -16.06 16.84
N GLY C 111 -3.40 -16.31 16.37
CA GLY C 111 -2.45 -17.11 17.13
C GLY C 111 -1.08 -16.46 17.10
N PRO C 112 -0.34 -16.68 16.01
CA PRO C 112 0.96 -16.03 15.90
C PRO C 112 0.85 -14.51 16.04
N LEU C 113 1.81 -13.89 16.72
CA LEU C 113 1.86 -12.45 16.84
C LEU C 113 3.16 -11.91 16.23
N PRO C 114 3.11 -10.72 15.60
CA PRO C 114 1.88 -9.98 15.35
C PRO C 114 1.01 -10.60 14.27
N THR C 115 -0.28 -10.36 14.35
CA THR C 115 -1.24 -10.56 13.27
C THR C 115 -2.04 -9.27 13.17
N SER C 116 -2.19 -8.74 11.96
CA SER C 116 -3.02 -7.56 11.73
C SER C 116 -4.12 -7.83 10.70
N PHE C 117 -5.16 -7.01 10.72
CA PHE C 117 -6.22 -7.09 9.73
C PHE C 117 -6.42 -5.71 9.16
N LEU C 118 -6.52 -5.63 7.85
N LEU C 118 -6.52 -5.64 7.84
CA LEU C 118 -6.85 -4.38 7.17
CA LEU C 118 -6.86 -4.40 7.16
C LEU C 118 -8.37 -4.27 7.01
C LEU C 118 -8.38 -4.31 7.06
N ILE C 119 -8.97 -3.23 7.54
CA ILE C 119 -10.40 -3.07 7.44
C ILE C 119 -10.72 -1.77 6.71
N ASP C 120 -11.52 -1.86 5.66
CA ASP C 120 -11.79 -0.70 4.82
C ASP C 120 -12.86 0.20 5.42
N LYS C 121 -13.09 1.36 4.81
CA LYS C 121 -14.05 2.35 5.31
C LYS C 121 -15.51 1.88 5.24
N ASP C 122 -15.73 0.73 4.60
CA ASP C 122 -17.06 0.12 4.52
C ASP C 122 -17.17 -1.04 5.50
N GLY C 123 -16.07 -1.32 6.19
CA GLY C 123 -16.07 -2.21 7.31
C GLY C 123 -15.69 -3.64 6.97
N LYS C 124 -15.22 -3.86 5.75
CA LYS C 124 -14.88 -5.20 5.29
C LYS C 124 -13.48 -5.57 5.72
N VAL C 125 -13.29 -6.82 6.10
CA VAL C 125 -11.93 -7.34 6.31
C VAL C 125 -11.28 -7.53 4.96
N VAL C 126 -10.39 -6.62 4.60
CA VAL C 126 -9.67 -6.68 3.35
C VAL C 126 -8.62 -7.81 3.30
N GLU C 127 -7.79 -7.88 4.33
CA GLU C 127 -6.60 -8.73 4.33
C GLU C 127 -6.28 -9.16 5.76
N GLN C 128 -5.55 -10.26 5.88
CA GLN C 128 -4.98 -10.72 7.14
C GLN C 128 -3.47 -10.78 6.97
N ILE C 129 -2.73 -10.33 7.97
CA ILE C 129 -1.29 -10.14 7.84
C ILE C 129 -0.58 -10.72 9.05
N ILE C 130 0.15 -11.79 8.84
CA ILE C 130 0.74 -12.54 9.92
C ILE C 130 2.23 -12.36 9.93
N GLY C 131 2.79 -12.04 11.08
CA GLY C 131 4.22 -11.91 11.25
C GLY C 131 4.71 -10.48 11.20
N GLU C 132 6.00 -10.32 11.44
CA GLU C 132 6.64 -9.02 11.49
C GLU C 132 6.65 -8.31 10.14
N GLN C 133 6.43 -6.99 10.19
CA GLN C 133 6.38 -6.17 8.99
C GLN C 133 7.38 -5.04 9.09
N THR C 134 8.01 -4.68 7.97
CA THR C 134 8.85 -3.48 7.94
C THR C 134 7.95 -2.27 7.79
N LYS C 135 8.49 -1.11 8.08
CA LYS C 135 7.78 0.15 7.94
C LYS C 135 7.22 0.39 6.52
N GLU C 136 8.03 0.10 5.50
N GLU C 136 8.04 0.09 5.53
CA GLU C 136 7.61 0.30 4.12
CA GLU C 136 7.67 0.23 4.12
C GLU C 136 6.41 -0.57 3.79
C GLU C 136 6.40 -0.56 3.84
N GLN C 137 6.40 -1.81 4.28
CA GLN C 137 5.27 -2.72 4.08
C GLN C 137 4.04 -2.27 4.88
N LEU C 138 4.26 -1.73 6.06
CA LEU C 138 3.13 -1.20 6.83
C LEU C 138 2.52 0.00 6.10
N GLU C 139 3.35 0.90 5.57
CA GLU C 139 2.80 2.05 4.86
C GLU C 139 2.01 1.57 3.65
N GLY C 140 2.52 0.53 3.00
CA GLY C 140 1.80 -0.11 1.93
C GLY C 140 0.40 -0.53 2.36
N TYR C 141 0.29 -1.12 3.55
CA TYR C 141 -1.01 -1.55 4.06
C TYR C 141 -1.94 -0.40 4.34
N LEU C 142 -1.39 0.65 4.96
CA LEU C 142 -2.19 1.81 5.31
C LEU C 142 -2.72 2.50 4.04
N LYS C 143 -1.91 2.52 2.99
CA LYS C 143 -2.36 3.09 1.72
C LYS C 143 -3.52 2.31 1.10
N LYS C 144 -3.54 1.00 1.29
CA LYS C 144 -4.67 0.18 0.82
C LYS C 144 -6.01 0.58 1.46
N ILE C 145 -6.03 0.91 2.75
CA ILE C 145 -7.30 1.22 3.40
C ILE C 145 -7.60 2.71 3.64
N THR C 146 -6.76 3.58 3.08
CA THR C 146 -7.04 5.01 3.10
C THR C 146 -8.29 5.24 2.27
N PRO C 147 -9.35 5.78 2.89
CA PRO C 147 -10.65 5.92 2.23
C PRO C 147 -10.60 6.73 0.94
N MSE D 9 -5.02 -25.07 -13.03
CA MSE D 9 -4.35 -23.93 -12.43
C MSE D 9 -3.09 -23.54 -13.19
O MSE D 9 -2.76 -24.16 -14.21
CB MSE D 9 -4.01 -24.24 -10.96
CG MSE D 9 -3.20 -25.49 -10.76
SE MSE D 9 -1.27 -25.19 -10.75
CE MSE D 9 -0.72 -26.66 -11.90
N GLN D 10 -2.39 -22.53 -12.69
CA GLN D 10 -1.08 -22.12 -13.21
C GLN D 10 -0.08 -21.91 -12.07
N ILE D 11 1.09 -22.55 -12.18
CA ILE D 11 2.11 -22.43 -11.15
C ILE D 11 2.87 -21.13 -11.20
N GLY D 12 2.83 -20.39 -10.10
CA GLY D 12 3.46 -19.09 -10.04
C GLY D 12 2.40 -18.05 -10.27
N LYS D 13 1.15 -18.51 -10.23
CA LYS D 13 0.01 -17.64 -10.44
C LYS D 13 -1.10 -17.96 -9.42
N GLU D 14 -1.99 -17.00 -9.17
CA GLU D 14 -3.00 -17.13 -8.12
C GLU D 14 -3.84 -18.42 -8.20
N ALA D 15 -3.95 -19.12 -7.07
CA ALA D 15 -4.66 -20.38 -7.03
C ALA D 15 -6.11 -20.19 -7.38
N PRO D 16 -6.64 -21.06 -8.25
CA PRO D 16 -8.08 -21.02 -8.55
C PRO D 16 -8.84 -21.17 -7.24
N ASN D 17 -9.73 -20.24 -6.96
CA ASN D 17 -10.52 -20.30 -5.76
C ASN D 17 -11.49 -21.48 -5.82
N PHE D 18 -11.92 -21.93 -4.64
CA PHE D 18 -12.92 -22.98 -4.51
C PHE D 18 -13.59 -22.84 -3.15
N VAL D 19 -14.75 -23.47 -3.00
CA VAL D 19 -15.39 -23.58 -1.70
C VAL D 19 -15.71 -25.06 -1.45
N VAL D 20 -15.42 -25.52 -0.24
CA VAL D 20 -15.77 -26.87 0.18
C VAL D 20 -16.43 -26.81 1.53
N THR D 21 -16.94 -27.94 1.98
CA THR D 21 -17.55 -28.07 3.29
C THR D 21 -16.79 -29.12 4.07
N ASP D 22 -16.35 -28.80 5.28
CA ASP D 22 -15.53 -29.75 6.01
C ASP D 22 -16.35 -30.78 6.78
N LEU D 23 -15.66 -31.63 7.53
CA LEU D 23 -16.29 -32.77 8.17
C LEU D 23 -16.95 -32.37 9.47
N GLU D 24 -17.20 -31.07 9.59
CA GLU D 24 -17.94 -30.53 10.72
C GLU D 24 -19.05 -29.67 10.19
N GLY D 25 -19.21 -29.65 8.86
CA GLY D 25 -20.21 -28.88 8.15
C GLY D 25 -19.84 -27.46 7.74
N LYS D 26 -18.66 -26.99 8.12
CA LYS D 26 -18.31 -25.58 7.93
C LYS D 26 -17.74 -25.31 6.55
N LYS D 27 -18.09 -24.17 5.97
CA LYS D 27 -17.57 -23.81 4.66
C LYS D 27 -16.14 -23.33 4.73
N ILE D 28 -15.31 -23.86 3.84
CA ILE D 28 -13.96 -23.36 3.69
C ILE D 28 -13.79 -22.85 2.28
N GLU D 29 -13.45 -21.58 2.16
CA GLU D 29 -13.17 -20.96 0.87
C GLU D 29 -11.67 -20.64 0.80
N LEU D 30 -11.02 -21.02 -0.30
CA LEU D 30 -9.58 -20.81 -0.41
C LEU D 30 -9.17 -19.37 -0.13
N LYS D 31 -9.83 -18.42 -0.78
CA LYS D 31 -9.49 -17.01 -0.59
C LYS D 31 -9.64 -16.52 0.86
N ASP D 32 -10.41 -17.24 1.65
CA ASP D 32 -10.57 -16.86 3.04
C ASP D 32 -9.29 -17.15 3.81
N LEU D 33 -8.37 -17.89 3.19
CA LEU D 33 -7.12 -18.29 3.85
C LEU D 33 -5.95 -17.43 3.43
N LYS D 34 -6.20 -16.41 2.64
CA LYS D 34 -5.12 -15.49 2.30
C LYS D 34 -4.61 -14.81 3.58
N GLY D 35 -3.31 -14.62 3.66
CA GLY D 35 -2.64 -14.29 4.90
C GLY D 35 -1.88 -15.46 5.47
N LYS D 36 -2.41 -16.68 5.28
CA LYS D 36 -1.78 -17.91 5.76
C LYS D 36 -1.18 -18.71 4.63
N GLY D 37 -0.17 -19.54 4.93
CA GLY D 37 0.33 -20.48 3.96
C GLY D 37 -0.66 -21.62 3.93
N VAL D 38 -0.89 -22.20 2.76
CA VAL D 38 -1.81 -23.32 2.65
C VAL D 38 -1.14 -24.47 1.95
N PHE D 39 -1.16 -25.63 2.61
CA PHE D 39 -0.76 -26.89 2.01
C PHE D 39 -2.04 -27.62 1.58
N LEU D 40 -2.30 -27.65 0.29
CA LEU D 40 -3.55 -28.19 -0.24
C LEU D 40 -3.31 -29.59 -0.78
N ASN D 41 -3.89 -30.59 -0.12
CA ASN D 41 -3.63 -31.99 -0.46
C ASN D 41 -4.86 -32.76 -0.93
N PHE D 42 -4.73 -33.44 -2.06
CA PHE D 42 -5.81 -34.25 -2.61
C PHE D 42 -5.49 -35.70 -2.37
N TRP D 43 -6.45 -36.44 -1.83
CA TRP D 43 -6.20 -37.76 -1.29
C TRP D 43 -7.45 -38.65 -1.39
N GLY D 44 -7.28 -39.95 -1.16
CA GLY D 44 -8.40 -40.88 -1.01
C GLY D 44 -8.10 -41.93 0.03
N THR D 45 -9.13 -42.46 0.68
CA THR D 45 -8.95 -43.40 1.79
C THR D 45 -8.40 -44.74 1.33
N TRP D 46 -8.55 -45.00 0.03
CA TRP D 46 -8.13 -46.26 -0.58
C TRP D 46 -6.70 -46.18 -1.08
N CYS D 47 -6.14 -44.98 -1.07
CA CYS D 47 -4.90 -44.73 -1.80
C CYS D 47 -3.69 -45.03 -0.95
N LYS D 48 -2.90 -46.01 -1.37
CA LYS D 48 -1.79 -46.47 -0.55
C LYS D 48 -0.76 -45.40 -0.17
N PRO D 49 -0.25 -44.63 -1.16
CA PRO D 49 0.70 -43.59 -0.72
C PRO D 49 0.06 -42.46 0.11
N CYS D 50 -1.24 -42.24 -0.03
CA CYS D 50 -1.94 -41.30 0.85
C CYS D 50 -1.87 -41.79 2.28
N GLU D 51 -2.16 -43.07 2.44
CA GLU D 51 -2.08 -43.69 3.75
C GLU D 51 -0.71 -43.45 4.39
N LYS D 52 0.37 -43.64 3.65
CA LYS D 52 1.70 -43.45 4.24
C LYS D 52 1.98 -42.01 4.65
N GLU D 53 1.58 -41.04 3.82
CA GLU D 53 1.96 -39.66 4.09
C GLU D 53 1.06 -38.90 5.04
N MSE D 54 -0.18 -39.35 5.19
N MSE D 54 -0.17 -39.35 5.23
CA MSE D 54 -1.11 -38.70 6.13
CA MSE D 54 -1.06 -38.59 6.13
C MSE D 54 -0.56 -38.55 7.55
C MSE D 54 -0.62 -38.54 7.61
O MSE D 54 -0.62 -37.45 8.10
O MSE D 54 -0.77 -37.50 8.24
CB MSE D 54 -2.47 -39.42 6.18
CB MSE D 54 -2.52 -39.02 5.96
CG MSE D 54 -3.30 -39.37 4.95
CG MSE D 54 -3.05 -38.70 4.56
SE MSE D 54 -3.50 -37.56 4.34
SE MSE D 54 -4.98 -38.61 4.41
CE MSE D 54 -5.42 -37.39 4.55
CE MSE D 54 -5.24 -36.73 4.84
N PRO D 55 -0.07 -39.65 8.16
CA PRO D 55 0.52 -39.48 9.49
C PRO D 55 1.70 -38.49 9.54
N TYR D 56 2.52 -38.43 8.50
CA TYR D 56 3.58 -37.45 8.47
C TYR D 56 3.02 -36.03 8.58
N MSE D 57 2.02 -35.71 7.75
N MSE D 57 2.00 -35.75 7.75
CA MSE D 57 1.48 -34.36 7.77
CA MSE D 57 1.37 -34.43 7.72
C MSE D 57 0.74 -34.06 9.07
C MSE D 57 0.76 -34.09 9.06
O MSE D 57 0.74 -32.92 9.55
O MSE D 57 0.85 -32.96 9.54
CB MSE D 57 0.62 -34.05 6.53
CB MSE D 57 0.30 -34.37 6.64
CG MSE D 57 -0.12 -35.22 5.95
CG MSE D 57 0.85 -34.27 5.24
SE MSE D 57 -0.60 -34.93 4.07
SE MSE D 57 -0.43 -34.97 3.94
CE MSE D 57 -1.70 -33.33 4.30
CE MSE D 57 -1.97 -33.83 4.40
N ASN D 58 0.13 -35.09 9.66
CA ASN D 58 -0.51 -34.93 10.96
C ASN D 58 0.49 -34.63 12.06
N GLU D 59 1.65 -35.31 12.01
CA GLU D 59 2.70 -35.08 13.00
C GLU D 59 3.25 -33.65 12.92
N LEU D 60 3.36 -33.14 11.70
CA LEU D 60 3.91 -31.80 11.48
C LEU D 60 2.92 -30.69 11.78
N TYR D 61 1.64 -30.97 11.58
CA TYR D 61 0.64 -29.91 11.57
C TYR D 61 0.61 -28.97 12.78
N PRO D 62 0.71 -29.51 14.00
CA PRO D 62 0.53 -28.56 15.11
C PRO D 62 1.61 -27.48 15.16
N LYS D 63 2.85 -27.87 14.87
CA LYS D 63 3.95 -26.92 14.86
C LYS D 63 3.73 -25.80 13.86
N TYR D 64 3.32 -26.15 12.65
CA TYR D 64 3.20 -25.14 11.60
C TYR D 64 1.87 -24.39 11.62
N LYS D 65 0.85 -25.01 12.21
CA LYS D 65 -0.41 -24.30 12.47
C LYS D 65 -0.13 -23.05 13.29
N GLU D 66 0.85 -23.16 14.17
CA GLU D 66 1.23 -22.13 15.13
C GLU D 66 1.95 -20.98 14.45
N LYS D 67 2.50 -21.24 13.26
CA LYS D 67 3.26 -20.26 12.50
C LYS D 67 2.45 -19.65 11.34
N GLY D 68 1.13 -19.85 11.35
CA GLY D 68 0.27 -19.37 10.28
C GLY D 68 0.26 -20.22 9.03
N VAL D 69 0.39 -21.53 9.19
CA VAL D 69 0.21 -22.45 8.07
C VAL D 69 -1.08 -23.28 8.25
N GLU D 70 -1.84 -23.44 7.18
CA GLU D 70 -3.00 -24.31 7.22
C GLU D 70 -2.81 -25.48 6.27
N ILE D 71 -3.38 -26.63 6.63
CA ILE D 71 -3.38 -27.79 5.76
C ILE D 71 -4.82 -28.06 5.39
N ILE D 72 -5.09 -28.19 4.10
CA ILE D 72 -6.43 -28.55 3.65
C ILE D 72 -6.36 -29.83 2.83
N ALA D 73 -6.98 -30.89 3.34
CA ALA D 73 -6.96 -32.21 2.71
C ALA D 73 -8.31 -32.51 2.07
N LEU D 74 -8.36 -32.35 0.75
CA LEU D 74 -9.56 -32.59 -0.04
C LEU D 74 -9.63 -34.02 -0.48
N ASP D 75 -10.66 -34.70 -0.01
CA ASP D 75 -10.92 -36.09 -0.36
C ASP D 75 -11.59 -36.26 -1.72
N ALA D 76 -11.20 -37.31 -2.44
CA ALA D 76 -11.71 -37.54 -3.79
C ALA D 76 -13.09 -38.19 -3.82
N ASP D 77 -14.08 -37.47 -3.30
CA ASP D 77 -15.49 -37.78 -3.58
C ASP D 77 -15.99 -39.12 -3.03
N GLU D 78 -15.52 -39.49 -1.84
CA GLU D 78 -15.98 -40.71 -1.21
C GLU D 78 -17.12 -40.37 -0.27
N THR D 79 -17.78 -41.39 0.31
CA THR D 79 -18.92 -41.11 1.16
C THR D 79 -18.48 -40.42 2.44
N ASP D 80 -19.41 -39.72 3.07
CA ASP D 80 -19.10 -39.01 4.31
C ASP D 80 -18.56 -39.96 5.37
N ILE D 81 -19.16 -41.13 5.49
CA ILE D 81 -18.73 -42.05 6.53
C ILE D 81 -17.33 -42.66 6.29
N ALA D 82 -16.99 -42.96 5.04
CA ALA D 82 -15.66 -43.46 4.73
C ALA D 82 -14.58 -42.45 5.12
N VAL D 83 -14.87 -41.17 4.86
CA VAL D 83 -13.91 -40.12 5.17
C VAL D 83 -13.84 -39.82 6.67
N LYS D 84 -14.98 -39.75 7.33
CA LYS D 84 -14.96 -39.55 8.76
C LYS D 84 -14.27 -40.73 9.46
N ASN D 85 -14.59 -41.95 9.02
CA ASN D 85 -13.95 -43.14 9.59
C ASN D 85 -12.44 -43.10 9.41
N PHE D 86 -11.98 -42.68 8.25
CA PHE D 86 -10.55 -42.53 8.02
C PHE D 86 -9.93 -41.45 8.94
N VAL D 87 -10.60 -40.31 9.05
CA VAL D 87 -10.09 -39.22 9.86
C VAL D 87 -9.92 -39.64 11.30
N ASN D 88 -10.92 -40.33 11.85
CA ASN D 88 -10.81 -40.77 13.24
C ASN D 88 -9.79 -41.91 13.40
N GLN D 89 -9.79 -42.84 12.46
CA GLN D 89 -8.83 -43.95 12.45
C GLN D 89 -7.39 -43.46 12.54
N TYR D 90 -7.11 -42.43 11.75
CA TYR D 90 -5.79 -41.83 11.64
C TYR D 90 -5.60 -40.69 12.63
N GLY D 91 -6.67 -40.32 13.33
CA GLY D 91 -6.62 -39.25 14.29
C GLY D 91 -6.20 -37.92 13.69
N LEU D 92 -6.72 -37.59 12.50
CA LEU D 92 -6.25 -36.39 11.79
C LEU D 92 -6.74 -35.10 12.43
N LYS D 93 -5.80 -34.17 12.62
CA LYS D 93 -6.06 -32.90 13.32
C LYS D 93 -6.40 -31.73 12.39
N PHE D 94 -5.99 -31.82 11.12
CA PHE D 94 -6.15 -30.73 10.15
C PHE D 94 -7.47 -30.82 9.39
N PRO D 95 -7.96 -29.70 8.84
CA PRO D 95 -9.20 -29.70 8.07
C PRO D 95 -9.22 -30.70 6.93
N VAL D 96 -10.33 -31.42 6.85
CA VAL D 96 -10.61 -32.38 5.79
C VAL D 96 -12.00 -32.08 5.22
N ALA D 97 -12.08 -32.10 3.89
CA ALA D 97 -13.34 -31.83 3.20
C ALA D 97 -13.45 -32.75 2.01
N ILE D 98 -14.66 -33.02 1.57
CA ILE D 98 -14.87 -33.85 0.38
C ILE D 98 -15.06 -32.98 -0.88
N ASP D 99 -14.19 -33.19 -1.87
CA ASP D 99 -14.34 -32.53 -3.16
C ASP D 99 -15.48 -33.17 -3.94
N LYS D 100 -16.70 -32.73 -3.64
CA LYS D 100 -17.93 -33.24 -4.27
C LYS D 100 -17.89 -33.06 -5.78
N GLY D 101 -18.28 -34.10 -6.51
CA GLY D 101 -18.22 -34.07 -7.95
C GLY D 101 -16.81 -34.09 -8.51
N GLN D 102 -15.81 -34.05 -7.63
CA GLN D 102 -14.40 -33.93 -8.03
C GLN D 102 -14.16 -32.66 -8.86
N LYS D 103 -14.92 -31.62 -8.53
CA LYS D 103 -14.85 -30.34 -9.24
C LYS D 103 -13.48 -29.65 -9.09
N ILE D 104 -13.00 -29.54 -7.85
CA ILE D 104 -11.74 -28.88 -7.56
C ILE D 104 -10.58 -29.68 -8.12
N ILE D 105 -10.73 -30.99 -8.11
CA ILE D 105 -9.77 -31.89 -8.71
C ILE D 105 -9.62 -31.54 -10.19
N GLY D 106 -10.75 -31.21 -10.83
CA GLY D 106 -10.75 -30.73 -12.20
C GLY D 106 -10.22 -29.32 -12.30
N THR D 107 -10.72 -28.43 -11.45
CA THR D 107 -10.26 -27.04 -11.41
C THR D 107 -8.73 -26.92 -11.23
N TYR D 108 -8.13 -27.85 -10.48
CA TYR D 108 -6.69 -27.89 -10.25
C TYR D 108 -5.95 -28.86 -11.14
N GLY D 109 -6.67 -29.49 -12.07
CA GLY D 109 -6.04 -30.44 -13.00
C GLY D 109 -5.37 -31.63 -12.35
N VAL D 110 -5.85 -32.01 -11.17
CA VAL D 110 -5.32 -33.15 -10.44
C VAL D 110 -5.56 -34.48 -11.17
N GLY D 111 -4.52 -35.30 -11.23
CA GLY D 111 -4.65 -36.63 -11.80
C GLY D 111 -4.38 -37.70 -10.76
N PRO D 112 -3.12 -38.13 -10.65
CA PRO D 112 -2.76 -39.17 -9.68
C PRO D 112 -2.83 -38.64 -8.26
N LEU D 113 -3.13 -39.50 -7.30
CA LEU D 113 -3.12 -39.10 -5.90
C LEU D 113 -2.01 -39.87 -5.18
N PRO D 114 -1.33 -39.25 -4.21
CA PRO D 114 -1.60 -37.89 -3.70
C PRO D 114 -0.99 -36.83 -4.61
N THR D 115 -1.68 -35.69 -4.73
CA THR D 115 -1.12 -34.49 -5.34
C THR D 115 -1.31 -33.36 -4.33
N SER D 116 -0.31 -32.51 -4.18
CA SER D 116 -0.37 -31.38 -3.26
C SER D 116 0.03 -30.08 -3.92
N PHE D 117 -0.47 -28.98 -3.41
CA PHE D 117 -0.06 -27.68 -3.89
C PHE D 117 0.36 -26.86 -2.70
N LEU D 118 1.48 -26.15 -2.87
CA LEU D 118 1.91 -25.12 -1.92
C LEU D 118 1.31 -23.79 -2.36
N ILE D 119 0.51 -23.17 -1.51
CA ILE D 119 -0.09 -21.89 -1.81
C ILE D 119 0.43 -20.87 -0.79
N ASP D 120 0.95 -19.74 -1.26
CA ASP D 120 1.57 -18.81 -0.34
C ASP D 120 0.57 -17.87 0.32
N LYS D 121 1.07 -17.01 1.21
CA LYS D 121 0.21 -16.13 2.01
C LYS D 121 -0.53 -15.08 1.17
N ASP D 122 -0.06 -14.85 -0.05
CA ASP D 122 -0.77 -13.99 -0.98
C ASP D 122 -1.79 -14.77 -1.79
N GLY D 123 -1.81 -16.09 -1.58
CA GLY D 123 -2.73 -16.96 -2.28
C GLY D 123 -2.25 -17.45 -3.64
N LYS D 124 -0.94 -17.39 -3.87
CA LYS D 124 -0.39 -17.79 -5.17
C LYS D 124 0.12 -19.24 -5.12
N VAL D 125 0.09 -19.94 -6.25
CA VAL D 125 0.64 -21.30 -6.30
C VAL D 125 2.15 -21.29 -6.41
N VAL D 126 2.79 -21.70 -5.32
CA VAL D 126 4.25 -21.83 -5.24
C VAL D 126 4.77 -23.06 -6.00
N GLU D 127 4.03 -24.16 -5.91
CA GLU D 127 4.52 -25.44 -6.39
C GLU D 127 3.43 -26.51 -6.36
N GLN D 128 3.44 -27.40 -7.35
CA GLN D 128 2.64 -28.61 -7.30
C GLN D 128 3.57 -29.77 -7.03
N ILE D 129 3.20 -30.59 -6.06
CA ILE D 129 3.96 -31.75 -5.59
C ILE D 129 3.24 -33.07 -5.97
N ILE D 130 3.95 -33.96 -6.65
CA ILE D 130 3.40 -35.27 -6.99
C ILE D 130 4.40 -36.35 -6.59
N GLY D 131 3.92 -37.59 -6.46
CA GLY D 131 4.82 -38.69 -6.18
C GLY D 131 5.02 -38.92 -4.70
N GLU D 132 6.04 -39.70 -4.34
CA GLU D 132 6.22 -40.14 -2.96
C GLU D 132 6.97 -39.14 -2.07
N GLN D 133 6.31 -38.74 -0.98
CA GLN D 133 6.80 -37.70 -0.07
C GLN D 133 7.09 -38.21 1.33
N THR D 134 8.31 -37.95 1.80
CA THR D 134 8.72 -38.32 3.15
C THR D 134 8.38 -37.20 4.11
N LYS D 135 8.53 -37.46 5.40
CA LYS D 135 8.24 -36.45 6.40
C LYS D 135 9.19 -35.25 6.29
N GLU D 136 10.43 -35.52 5.92
CA GLU D 136 11.39 -34.46 5.76
C GLU D 136 10.99 -33.58 4.59
N GLN D 137 10.60 -34.20 3.50
CA GLN D 137 10.12 -33.46 2.35
C GLN D 137 8.88 -32.62 2.69
N LEU D 138 7.89 -33.22 3.33
CA LEU D 138 6.70 -32.46 3.70
C LEU D 138 7.03 -31.28 4.62
N GLU D 139 7.97 -31.49 5.54
CA GLU D 139 8.36 -30.41 6.44
C GLU D 139 8.99 -29.25 5.68
N GLY D 140 9.79 -29.56 4.66
CA GLY D 140 10.33 -28.53 3.80
C GLY D 140 9.24 -27.69 3.14
N TYR D 141 8.14 -28.32 2.73
CA TYR D 141 7.04 -27.62 2.07
C TYR D 141 6.35 -26.68 3.03
N LEU D 142 6.03 -27.17 4.22
CA LEU D 142 5.43 -26.32 5.26
C LEU D 142 6.31 -25.11 5.62
N LYS D 143 7.63 -25.30 5.67
CA LYS D 143 8.55 -24.19 5.94
C LYS D 143 8.46 -23.14 4.83
N LYS D 144 8.45 -23.62 3.59
CA LYS D 144 8.48 -22.77 2.40
C LYS D 144 7.24 -21.88 2.27
N ILE D 145 6.13 -22.29 2.87
CA ILE D 145 4.89 -21.51 2.85
C ILE D 145 4.55 -20.80 4.18
N THR D 146 5.43 -20.92 5.20
CA THR D 146 5.23 -20.20 6.45
C THR D 146 5.22 -18.71 6.15
N PRO D 147 4.18 -17.98 6.61
CA PRO D 147 4.15 -16.51 6.38
C PRO D 147 5.34 -15.80 7.03
C ACY E . -14.35 0.66 -6.71
O ACY E . -13.61 0.31 -7.66
OXT ACY E . -15.02 -0.11 -6.00
CH3 ACY E . -14.42 2.13 -6.39
C1 EDO F . 8.24 7.55 -30.43
O1 EDO F . 7.35 6.44 -30.40
C2 EDO F . 8.50 8.14 -29.05
O2 EDO F . 8.52 9.59 -29.10
C1 EDO G . -6.95 -3.73 -27.55
O1 EDO G . -5.67 -3.81 -26.91
C2 EDO G . -7.96 -4.50 -26.72
O2 EDO G . -8.53 -3.62 -25.75
C1 GOL H . 7.69 -8.20 -13.27
O1 GOL H . 7.80 -7.15 -12.32
C2 GOL H . 9.03 -8.49 -13.93
O2 GOL H . 9.78 -7.31 -14.04
C3 GOL H . 8.80 -9.06 -15.32
O3 GOL H . 7.99 -10.20 -15.23
C1 EDO I . 8.92 19.33 -12.91
O1 EDO I . 9.79 19.84 -13.95
C2 EDO I . 9.65 18.25 -12.14
O2 EDO I . 8.71 17.43 -11.43
C ACY J . -0.31 23.08 13.17
O ACY J . -0.86 24.20 13.11
OXT ACY J . 0.93 22.92 13.21
CH3 ACY J . -1.19 21.87 13.18
C ACY K . -5.35 16.40 -5.42
O ACY K . -4.12 16.13 -5.42
OXT ACY K . -5.85 17.40 -6.00
CH3 ACY K . -6.28 15.48 -4.70
C ACY L . 13.19 13.76 -9.57
O ACY L . 12.04 14.15 -9.32
OXT ACY L . 13.58 12.60 -9.28
CH3 ACY L . 14.10 14.74 -10.25
C1 EDO M . 18.56 18.23 -6.68
O1 EDO M . 18.07 17.20 -7.55
C2 EDO M . 19.22 19.34 -7.44
O2 EDO M . 18.58 20.61 -7.51
C1 EDO N . 13.22 10.32 10.30
O1 EDO N . 12.34 9.20 10.38
C2 EDO N . 12.83 11.25 11.44
O2 EDO N . 13.99 11.83 12.02
C1 EDO O . 0.17 35.60 -3.90
O1 EDO O . 0.67 34.98 -5.09
C2 EDO O . -0.39 34.58 -2.93
O2 EDO O . -0.90 35.26 -1.79
C1 EDO P . 7.99 38.42 9.22
O1 EDO P . 7.91 37.62 10.41
C2 EDO P . 6.86 39.43 9.25
O2 EDO P . 5.72 38.79 9.84
C1 GOL Q . -3.18 7.32 0.93
O1 GOL Q . -2.82 5.99 1.17
C2 GOL Q . -2.17 7.86 -0.04
O2 GOL Q . -1.14 8.41 0.73
C3 GOL Q . -1.64 6.73 -0.93
O3 GOL Q . -0.98 7.26 -2.07
C1 EDO R . 1.38 10.56 1.61
O1 EDO R . 1.02 9.21 1.43
C2 EDO R . 0.18 11.47 1.56
O2 EDO R . 0.42 12.59 2.42
C1 EDO S . -3.12 8.97 22.23
O1 EDO S . -2.73 7.71 22.77
C2 EDO S . -4.36 8.77 21.39
O2 EDO S . -5.15 9.96 21.48
C1 EDO T . 2.05 12.85 17.12
O1 EDO T . 2.26 13.50 15.85
C2 EDO T . 2.52 11.39 17.04
O2 EDO T . 3.85 11.20 17.55
C1 EDO U . -2.18 13.84 13.47
O1 EDO U . -3.60 14.04 13.52
C2 EDO U . -1.49 15.16 13.82
O2 EDO U . -0.63 14.98 14.95
C1 EDO V . -12.10 10.22 21.08
O1 EDO V . -11.23 9.98 19.97
C2 EDO V . -13.10 9.08 21.17
O2 EDO V . -13.46 8.82 22.52
MG MG W . -5.62 -49.77 2.45
C ACY X . 12.44 -37.70 7.70
O ACY X . 12.51 -37.35 8.89
OXT ACY X . 11.40 -37.75 7.03
CH3 ACY X . 13.71 -38.11 7.00
C1 PEG Y . 4.87 -30.53 -11.31
O1 PEG Y . 5.71 -30.96 -10.24
C2 PEG Y . 4.92 -29.02 -11.43
O2 PEG Y . 3.81 -28.54 -12.19
C3 PEG Y . 4.05 -27.20 -12.63
C4 PEG Y . 3.59 -27.01 -14.06
O4 PEG Y . 4.66 -27.39 -14.93
C1 EDO Z . -11.65 -41.66 -11.39
O1 EDO Z . -11.27 -42.74 -10.54
C2 EDO Z . -11.76 -40.39 -10.58
O2 EDO Z . -11.78 -39.29 -11.51
C1 EDO AA . 6.13 -37.53 15.45
O1 EDO AA . 7.03 -38.46 14.84
C2 EDO AA . 5.45 -38.24 16.61
O2 EDO AA . 6.48 -38.91 17.32
C1 EDO BA . -20.73 -47.10 1.80
O1 EDO BA . -21.00 -46.70 0.46
C2 EDO BA . -20.22 -45.94 2.66
O2 EDO BA . -18.79 -45.80 2.52
#